data_8PSO
#
_entry.id   8PSO
#
_cell.length_a   1.00
_cell.length_b   1.00
_cell.length_c   1.00
_cell.angle_alpha   90.00
_cell.angle_beta   90.00
_cell.angle_gamma   90.00
#
_symmetry.space_group_name_H-M   'P 1'
#
loop_
_entity.id
_entity.type
_entity.pdbx_description
1 polymer 'Polymerase acidic protein (PA-like)'
2 polymer 'Putative PB1'
3 polymer 'RNA-dependent RNA polymerase'
4 polymer "5' vRNA end - vRNA loop (40-mer)"
5 polymer "DNA (5'-D(*(CTP))-3')"
6 non-polymer 'ZINC ION'
7 non-polymer 'MAGNESIUM ION'
8 water water
#
loop_
_entity_poly.entity_id
_entity_poly.type
_entity_poly.pdbx_seq_one_letter_code
_entity_poly.pdbx_strand_id
1 'polypeptide(L)'
;MDSRFAQLTGVFCDDFTYSEGSRRFLSSYSTVERRPGVPVEGDCYDCLKNKWIAFELEGQPRKFPKATVRCILNNDATYV
CSEQEYQQICKVQFKDYLEIDGVVKVGHKASYDAELRERLLELPHPKSGPKPRIEWVAPPRLADISKETAELKRQYGFFE
CSKFLACGEECGLDQEARELILNEYARDREFEFRNGGWIQRYTVASHKPATQKILPLPASAPLARELLMLIARSTTQAGK
VLHSDNTSILAVPVMRDSGKHSKRRPTASTHHLVVGLSKPGCEHDFEFDGYRAAVHVMHLDPKQSANIGEQDFVSTREIY
KLDMLELPPISRKGDLDRASGLETRWDVILLLECLDSTRVSQAVAQHFNRHRLALSVCKDEFRKGYQLASEIRGTIPLSS
LYYSLCAVRLRMTVHPFAR
;
A
2 'polypeptide(L)'
;MWAFQEGVCKGNLLSGPTSMKAPDSAARESIDRASEIMTGKSYNAVHTGDLSKLPNQGESPLRIVDSDLYSERSCCWVIE
KEGRVVCKSTTLTRGMTSLLNTTKCSSPSELICKVLTVESLSEKIGDTSVEELLSHGRYFKCALRDQERGKPKSRAIFLS
HPFFRLLSSVVETHARSVLSKVSAVYTATASAEQRAMMAAQVVESRKHVLNGDCTKYNEAIDADTLLKVWDAIGMGSIGV
MLAYMVRRKCVLIKDTLVECPGGMLMGMFNATATLALQGTTDRFLSFSDDFITSFNSPAELREIEDLLFASCHNLSLKKS
YISVASLEINSCTLTRDGDLATGLGCTAGVPFRGPLVTLKQTAAMLSGAVDSGVMPFHSAERLFQIKQQECAYRYNNPTY
TTRNEDFLPTCLGGKTVISFQSLLTWDCHPFWYQVHPDGPDTIDQKVLSVLASKTRRRRTRLEALSDLDPLVPHRLLVSE
SDVSKIRAARQAHLKSLGLEQPTNFNYAIYKAVQPTAGC
;
B
3 'polypeptide(L)'
;MSQFGKSFKGRTEVTITEYRSHTVKDVHRSLLTADKSLRKSFCFRNALNQFLDKDLPLLPIRPKLESRVAVKKSKLRSQL
SFRPGLTQEEAIDLYNKGYDGDSVSGALQDRVVNEPVAYSSADNDKFHRGLAALGYTLADRAFDTCESGFVRAIPTTPCG
FICCGPGSFKDSLGFVIKIGEFWHMYDGFQHFVAVEDAKFLASKSPSFWLAKRLAKRLNLVPKEDPSVAAAECPCKKVWE
ASFARAPTALDPFGGRAFCDQGWVYHRDVGYATANHISQETLFQQALSVRNLGPQGSANVSGSIHTALDRLRAAYSRGTP
ASRSILQGLANLITPVGENFECDLDKRKLNIKALRSPERYITIEGLVVNLDDVVRGFYLDKAKVTVLSRSKWMGYEDLPQ
KPPNGTFYCRKRKAMLLISCSPGTYAKKRKVAVQEDRFKDMRVENFREVAENMDLNQGSGSENLYFQGHHHHHHHHHH
;
C
4 'polyribonucleotide' GCAAAUCUUUCUCACGUCCUGACUUGUGAGUAAAAUUUGG V,S
5 'polydeoxyribonucleotide' (CTP) F
#
# COMPACT_ATOMS: atom_id res chain seq x y z
N GLY A 102 -42.72 -10.79 0.93
CA GLY A 102 -42.25 -11.60 2.05
C GLY A 102 -40.75 -11.52 2.23
N VAL A 103 -40.04 -11.34 1.14
CA VAL A 103 -38.59 -11.24 1.19
C VAL A 103 -38.20 -9.92 1.84
N VAL A 104 -37.26 -9.98 2.79
CA VAL A 104 -36.85 -8.77 3.51
C VAL A 104 -36.21 -7.79 2.55
N LYS A 105 -36.63 -6.53 2.63
CA LYS A 105 -36.09 -5.47 1.80
C LYS A 105 -35.07 -4.65 2.59
N VAL A 106 -34.16 -4.00 1.86
CA VAL A 106 -33.12 -3.23 2.51
C VAL A 106 -33.70 -2.10 3.34
N GLY A 107 -34.81 -1.52 2.90
CA GLY A 107 -35.50 -0.48 3.62
C GLY A 107 -36.43 -0.97 4.71
N HIS A 108 -36.36 -2.25 5.05
CA HIS A 108 -37.26 -2.81 6.05
C HIS A 108 -37.14 -2.06 7.37
N LYS A 109 -38.28 -1.75 7.97
CA LYS A 109 -38.35 -1.02 9.24
C LYS A 109 -38.61 -2.02 10.36
N ALA A 110 -37.69 -2.09 11.31
CA ALA A 110 -37.80 -3.02 12.43
C ALA A 110 -38.66 -2.42 13.55
N SER A 111 -38.95 -3.25 14.55
CA SER A 111 -39.77 -2.81 15.67
C SER A 111 -39.00 -1.89 16.60
N TYR A 112 -37.67 -2.02 16.64
CA TYR A 112 -36.83 -1.20 17.50
C TYR A 112 -36.34 0.06 16.79
N ASP A 113 -36.81 0.33 15.57
CA ASP A 113 -36.33 1.48 14.81
C ASP A 113 -36.58 2.78 15.58
N ALA A 114 -37.80 2.97 16.08
CA ALA A 114 -38.13 4.20 16.79
C ALA A 114 -37.31 4.34 18.06
N GLU A 115 -37.11 3.23 18.78
CA GLU A 115 -36.30 3.28 20.00
C GLU A 115 -34.88 3.72 19.69
N LEU A 116 -34.28 3.16 18.64
CA LEU A 116 -32.91 3.53 18.29
C LEU A 116 -32.85 4.98 17.81
N ARG A 117 -33.87 5.44 17.08
CA ARG A 117 -33.89 6.83 16.65
C ARG A 117 -33.99 7.78 17.85
N GLU A 118 -34.81 7.42 18.84
CA GLU A 118 -34.88 8.24 20.05
C GLU A 118 -33.54 8.25 20.79
N ARG A 119 -32.89 7.08 20.87
CA ARG A 119 -31.58 7.04 21.51
C ARG A 119 -30.58 7.93 20.78
N LEU A 120 -30.59 7.89 19.45
CA LEU A 120 -29.70 8.75 18.68
C LEU A 120 -30.02 10.22 18.92
N LEU A 121 -31.31 10.55 19.05
CA LEU A 121 -31.71 11.92 19.35
C LEU A 121 -31.16 12.37 20.69
N GLU A 122 -31.21 11.49 21.69
CA GLU A 122 -30.68 11.84 23.00
C GLU A 122 -29.16 11.95 23.02
N LEU A 123 -28.48 11.36 22.04
CA LEU A 123 -27.03 11.39 22.00
C LEU A 123 -26.54 12.73 21.45
N PRO A 124 -25.29 13.10 21.74
CA PRO A 124 -24.80 14.42 21.35
C PRO A 124 -24.68 14.58 19.84
N HIS A 125 -24.74 15.82 19.40
CA HIS A 125 -24.67 16.19 18.00
C HIS A 125 -23.61 17.27 17.79
N PRO A 126 -23.02 17.34 16.60
CA PRO A 126 -21.99 18.36 16.35
C PRO A 126 -22.57 19.76 16.30
N LYS A 127 -21.74 20.72 16.68
CA LYS A 127 -22.06 22.14 16.53
C LYS A 127 -21.60 22.64 15.16
N SER A 128 -22.32 23.63 14.64
CA SER A 128 -21.96 24.18 13.34
C SER A 128 -20.59 24.84 13.39
N GLY A 129 -19.74 24.49 12.42
CA GLY A 129 -18.41 25.04 12.35
C GLY A 129 -18.39 26.38 11.65
N PRO A 130 -17.33 27.16 11.88
CA PRO A 130 -17.22 28.46 11.21
C PRO A 130 -16.95 28.31 9.72
N LYS A 131 -17.42 29.29 8.96
CA LYS A 131 -17.13 29.33 7.53
C LYS A 131 -15.76 29.97 7.30
N PRO A 132 -14.85 29.31 6.59
CA PRO A 132 -13.52 29.88 6.39
C PRO A 132 -13.49 30.89 5.25
N ARG A 133 -12.65 31.90 5.43
CA ARG A 133 -12.40 32.91 4.40
C ARG A 133 -11.18 32.48 3.60
N ILE A 134 -11.39 32.19 2.32
CA ILE A 134 -10.35 31.66 1.46
C ILE A 134 -9.84 32.78 0.56
N GLU A 135 -8.53 33.03 0.63
CA GLU A 135 -7.87 33.99 -0.23
C GLU A 135 -6.96 33.25 -1.20
N TRP A 136 -7.09 33.54 -2.49
CA TRP A 136 -6.30 32.90 -3.53
C TRP A 136 -5.21 33.86 -3.99
N VAL A 137 -3.96 33.40 -3.92
CA VAL A 137 -2.80 34.22 -4.26
C VAL A 137 -1.84 33.37 -5.09
N ALA A 138 -0.78 34.01 -5.58
CA ALA A 138 0.22 33.33 -6.37
C ALA A 138 1.01 32.36 -5.50
N PRO A 139 1.54 31.28 -6.08
CA PRO A 139 2.34 30.33 -5.29
C PRO A 139 3.58 30.99 -4.72
N PRO A 140 4.26 30.34 -3.78
CA PRO A 140 5.43 30.96 -3.15
C PRO A 140 6.56 31.19 -4.14
N ARG A 141 7.36 32.22 -3.87
CA ARG A 141 8.50 32.57 -4.69
C ARG A 141 9.77 31.91 -4.13
N LEU A 142 10.89 32.17 -4.81
CA LEU A 142 12.18 31.63 -4.36
C LEU A 142 12.49 32.08 -2.94
N ALA A 143 12.06 33.29 -2.58
CA ALA A 143 12.39 33.85 -1.27
C ALA A 143 11.79 33.01 -0.15
N ASP A 144 10.58 32.48 -0.35
CA ASP A 144 9.93 31.69 0.70
C ASP A 144 10.71 30.40 0.97
N ILE A 145 11.14 29.72 -0.09
CA ILE A 145 11.92 28.49 0.09
C ILE A 145 13.26 28.82 0.74
N SER A 146 13.89 29.93 0.32
CA SER A 146 15.14 30.32 0.93
C SER A 146 14.96 30.61 2.42
N LYS A 147 13.84 31.25 2.78
CA LYS A 147 13.56 31.53 4.17
C LYS A 147 13.36 30.25 4.97
N GLU A 148 12.67 29.26 4.38
CA GLU A 148 12.47 27.99 5.07
C GLU A 148 13.82 27.31 5.33
N THR A 149 14.68 27.26 4.30
CA THR A 149 15.98 26.64 4.47
C THR A 149 16.81 27.38 5.50
N ALA A 150 16.77 28.72 5.48
CA ALA A 150 17.53 29.50 6.45
C ALA A 150 17.02 29.27 7.87
N GLU A 151 15.70 29.15 8.04
CA GLU A 151 15.15 28.86 9.36
C GLU A 151 15.62 27.51 9.86
N LEU A 152 15.59 26.49 9.00
CA LEU A 152 16.09 25.18 9.42
C LEU A 152 17.56 25.26 9.81
N LYS A 153 18.37 25.92 8.98
CA LYS A 153 19.80 26.02 9.26
C LYS A 153 20.06 26.74 10.57
N ARG A 154 19.35 27.84 10.82
CA ARG A 154 19.54 28.59 12.05
C ARG A 154 19.11 27.79 13.27
N GLN A 155 17.98 27.07 13.16
CA GLN A 155 17.44 26.39 14.33
C GLN A 155 18.28 25.17 14.69
N TYR A 156 18.82 24.46 13.70
CA TYR A 156 19.49 23.19 13.97
C TYR A 156 20.99 23.23 13.77
N GLY A 157 21.50 23.89 12.74
CA GLY A 157 22.92 23.91 12.49
C GLY A 157 23.41 22.65 11.78
N PHE A 158 24.73 22.50 11.75
CA PHE A 158 25.38 21.44 11.00
C PHE A 158 26.33 20.65 11.88
N PHE A 159 26.41 19.35 11.64
CA PHE A 159 27.43 18.52 12.27
C PHE A 159 28.80 18.79 11.67
N GLU A 160 29.85 18.51 12.45
CA GLU A 160 31.21 18.69 11.96
C GLU A 160 31.51 17.76 10.79
N CYS A 161 31.08 16.50 10.89
CA CYS A 161 31.31 15.49 9.87
C CYS A 161 29.98 15.02 9.31
N SER A 162 30.05 14.15 8.30
CA SER A 162 28.86 13.62 7.63
C SER A 162 28.33 12.36 8.29
N LYS A 163 28.98 11.88 9.35
CA LYS A 163 28.53 10.68 10.06
C LYS A 163 28.33 9.51 9.10
N PHE A 164 27.23 8.77 9.25
CA PHE A 164 27.04 7.57 8.45
C PHE A 164 26.96 7.86 6.96
N LEU A 165 26.57 9.08 6.58
CA LEU A 165 26.54 9.43 5.17
C LEU A 165 27.92 9.38 4.54
N ALA A 166 28.98 9.47 5.35
CA ALA A 166 30.34 9.34 4.84
C ALA A 166 30.70 7.90 4.50
N CYS A 167 29.88 6.93 4.92
CA CYS A 167 30.15 5.53 4.60
C CYS A 167 29.94 5.19 3.14
N GLY A 168 29.37 6.12 2.36
CA GLY A 168 29.23 5.91 0.93
C GLY A 168 30.51 6.05 0.14
N GLU A 169 31.63 6.34 0.81
CA GLU A 169 32.94 6.45 0.16
C GLU A 169 33.90 5.49 0.83
N GLU A 170 34.88 5.02 0.06
CA GLU A 170 35.85 4.07 0.57
C GLU A 170 36.61 4.65 1.76
N CYS A 171 36.87 3.80 2.74
CA CYS A 171 37.63 4.20 3.93
C CYS A 171 39.13 4.08 3.75
N GLY A 172 39.60 3.54 2.63
CA GLY A 172 41.01 3.41 2.38
C GLY A 172 41.67 2.20 3.00
N LEU A 173 40.90 1.29 3.60
CA LEU A 173 41.43 0.09 4.22
C LEU A 173 41.02 -1.15 3.43
N ASP A 174 41.89 -2.14 3.42
CA ASP A 174 41.59 -3.41 2.80
C ASP A 174 40.66 -4.23 3.70
N GLN A 175 40.17 -5.35 3.15
CA GLN A 175 39.12 -6.11 3.82
C GLN A 175 39.57 -6.58 5.20
N GLU A 176 40.78 -7.13 5.29
CA GLU A 176 41.27 -7.62 6.58
C GLU A 176 41.39 -6.48 7.59
N ALA A 177 41.92 -5.33 7.14
CA ALA A 177 42.02 -4.18 8.03
C ALA A 177 40.64 -3.70 8.48
N ARG A 178 39.67 -3.69 7.56
CA ARG A 178 38.32 -3.28 7.90
C ARG A 178 37.73 -4.21 8.97
N GLU A 179 37.88 -5.52 8.77
CA GLU A 179 37.36 -6.48 9.74
C GLU A 179 38.02 -6.29 11.09
N LEU A 180 39.34 -6.13 11.11
CA LEU A 180 40.05 -5.94 12.37
C LEU A 180 39.57 -4.68 13.07
N ILE A 181 39.44 -3.58 12.32
CA ILE A 181 39.04 -2.31 12.93
C ILE A 181 37.63 -2.43 13.50
N LEU A 182 36.71 -3.06 12.75
CA LEU A 182 35.34 -3.17 13.24
C LEU A 182 35.27 -4.04 14.50
N ASN A 183 35.98 -5.18 14.49
CA ASN A 183 35.95 -6.05 15.67
C ASN A 183 36.58 -5.37 16.88
N GLU A 184 37.67 -4.64 16.67
CA GLU A 184 38.32 -3.96 17.79
C GLU A 184 37.51 -2.78 18.29
N TYR A 185 36.77 -2.11 17.40
CA TYR A 185 35.83 -1.08 17.86
C TYR A 185 34.74 -1.71 18.71
N ALA A 186 34.21 -2.86 18.28
CA ALA A 186 33.19 -3.54 19.09
C ALA A 186 33.75 -3.92 20.46
N ARG A 187 34.98 -4.43 20.48
CA ARG A 187 35.60 -4.79 21.75
C ARG A 187 35.82 -3.57 22.63
N ASP A 188 36.25 -2.45 22.03
CA ASP A 188 36.56 -1.25 22.80
C ASP A 188 35.31 -0.69 23.49
N ARG A 189 34.17 -0.73 22.81
CA ARG A 189 32.92 -0.27 23.39
C ARG A 189 32.35 -1.24 24.41
N GLU A 190 33.02 -2.37 24.65
CA GLU A 190 32.60 -3.37 25.64
C GLU A 190 31.33 -4.10 25.22
N PHE A 191 31.14 -4.30 23.92
CA PHE A 191 30.04 -5.13 23.44
C PHE A 191 30.27 -6.58 23.86
N GLU A 192 29.21 -7.22 24.34
CA GLU A 192 29.29 -8.62 24.74
C GLU A 192 29.58 -9.50 23.54
N PHE A 193 30.39 -10.52 23.75
CA PHE A 193 30.72 -11.50 22.72
C PHE A 193 30.07 -12.83 23.07
N ARG A 194 29.38 -13.43 22.10
CA ARG A 194 28.64 -14.65 22.36
C ARG A 194 28.39 -15.36 21.04
N ASN A 195 28.72 -16.65 20.98
CA ASN A 195 28.52 -17.47 19.78
C ASN A 195 29.23 -16.87 18.58
N GLY A 196 30.37 -16.21 18.80
CA GLY A 196 31.11 -15.60 17.72
C GLY A 196 30.53 -14.28 17.22
N GLY A 197 29.52 -13.73 17.90
CA GLY A 197 28.90 -12.50 17.45
C GLY A 197 28.88 -11.47 18.56
N TRP A 198 28.68 -10.22 18.15
CA TRP A 198 28.66 -9.09 19.06
C TRP A 198 27.23 -8.71 19.39
N ILE A 199 27.00 -8.34 20.66
CA ILE A 199 25.71 -7.87 21.13
C ILE A 199 25.93 -6.61 21.97
N GLN A 200 25.11 -5.60 21.75
CA GLN A 200 25.14 -4.39 22.57
C GLN A 200 24.09 -4.51 23.67
N ARG A 201 24.52 -4.28 24.91
CA ARG A 201 23.67 -4.41 26.08
C ARG A 201 23.32 -3.03 26.62
N TYR A 202 22.06 -2.87 27.03
CA TYR A 202 21.59 -1.62 27.61
C TYR A 202 20.80 -1.92 28.88
N THR A 203 20.88 -1.00 29.84
CA THR A 203 20.18 -1.12 31.10
C THR A 203 19.13 -0.04 31.30
N VAL A 204 19.51 1.23 31.14
CA VAL A 204 18.62 2.36 31.38
C VAL A 204 18.62 3.26 30.15
N ALA A 205 17.52 3.98 29.97
CA ALA A 205 17.34 4.89 28.85
C ALA A 205 17.08 6.30 29.37
N SER A 206 17.75 7.28 28.77
CA SER A 206 17.54 8.67 29.15
C SER A 206 16.14 9.15 28.81
N HIS A 207 15.46 8.50 27.86
CA HIS A 207 14.12 8.89 27.43
C HIS A 207 14.10 10.32 26.89
N LYS A 208 15.20 10.75 26.30
CA LYS A 208 15.31 12.04 25.65
C LYS A 208 15.76 11.85 24.20
N PRO A 209 15.17 12.58 23.25
CA PRO A 209 15.59 12.40 21.85
C PRO A 209 17.06 12.76 21.66
N ALA A 210 17.70 12.04 20.75
CA ALA A 210 19.10 12.31 20.44
C ALA A 210 19.25 13.68 19.79
N THR A 211 20.41 14.30 20.02
CA THR A 211 20.69 15.58 19.38
C THR A 211 20.67 15.43 17.87
N GLN A 212 19.95 16.32 17.19
CA GLN A 212 19.76 16.26 15.75
C GLN A 212 20.28 17.54 15.11
N LYS A 213 21.18 17.39 14.14
CA LYS A 213 21.70 18.48 13.34
C LYS A 213 21.73 18.05 11.88
N ILE A 214 22.08 18.98 11.00
CA ILE A 214 22.10 18.73 9.57
C ILE A 214 23.46 18.16 9.19
N LEU A 215 23.46 17.05 8.45
CA LEU A 215 24.69 16.43 7.99
C LEU A 215 25.21 17.13 6.76
N PRO A 216 26.48 17.56 6.73
CA PRO A 216 27.06 18.07 5.48
C PRO A 216 27.24 16.96 4.47
N LEU A 217 27.24 17.35 3.20
CA LEU A 217 27.28 16.37 2.11
C LEU A 217 28.73 15.95 1.83
N PRO A 218 29.03 14.65 1.85
CA PRO A 218 30.31 14.19 1.29
C PRO A 218 30.40 14.50 -0.19
N ALA A 219 31.61 14.36 -0.73
CA ALA A 219 31.85 14.71 -2.13
C ALA A 219 31.05 13.82 -3.07
N SER A 220 30.99 12.52 -2.79
CA SER A 220 30.34 11.57 -3.69
C SER A 220 29.88 10.37 -2.88
N ALA A 221 29.29 9.39 -3.57
CA ALA A 221 28.80 8.17 -2.94
C ALA A 221 28.91 6.99 -3.90
N PRO A 222 30.12 6.63 -4.32
CA PRO A 222 30.26 5.47 -5.24
C PRO A 222 29.80 4.15 -4.64
N LEU A 223 29.74 4.05 -3.31
CA LEU A 223 29.41 2.79 -2.64
C LEU A 223 27.98 2.75 -2.13
N ALA A 224 27.08 3.54 -2.72
CA ALA A 224 25.70 3.55 -2.27
C ALA A 224 25.05 2.19 -2.43
N ARG A 225 25.25 1.55 -3.59
CA ARG A 225 24.65 0.25 -3.83
C ARG A 225 25.18 -0.78 -2.84
N GLU A 226 26.49 -0.82 -2.65
CA GLU A 226 27.07 -1.77 -1.72
C GLU A 226 26.59 -1.51 -0.30
N LEU A 227 26.50 -0.23 0.09
CA LEU A 227 26.05 0.10 1.43
C LEU A 227 24.62 -0.36 1.66
N LEU A 228 23.73 -0.11 0.71
CA LEU A 228 22.35 -0.53 0.85
C LEU A 228 22.24 -2.06 0.89
N MET A 229 22.99 -2.75 0.02
CA MET A 229 22.98 -4.20 0.03
C MET A 229 23.45 -4.74 1.37
N LEU A 230 24.52 -4.15 1.92
CA LEU A 230 25.04 -4.62 3.20
C LEU A 230 24.07 -4.35 4.33
N ILE A 231 23.40 -3.20 4.31
CA ILE A 231 22.38 -2.92 5.33
C ILE A 231 21.27 -3.95 5.24
N ALA A 232 20.84 -4.30 4.03
CA ALA A 232 19.83 -5.33 3.87
C ALA A 232 20.31 -6.66 4.41
N ARG A 233 21.56 -7.02 4.14
CA ARG A 233 22.06 -8.35 4.49
C ARG A 233 22.32 -8.48 5.99
N SER A 234 22.84 -7.43 6.62
CA SER A 234 23.35 -7.56 7.99
C SER A 234 22.23 -7.68 9.01
N THR A 235 21.17 -6.88 8.87
CA THR A 235 20.11 -6.89 9.87
C THR A 235 19.39 -8.22 9.94
N THR A 236 19.42 -9.01 8.87
CA THR A 236 18.93 -10.38 8.91
C THR A 236 20.05 -11.38 9.21
N GLN A 237 21.29 -10.93 9.28
CA GLN A 237 22.44 -11.79 9.57
C GLN A 237 23.36 -11.08 10.57
N ALA A 238 22.76 -10.50 11.60
CA ALA A 238 23.48 -9.62 12.50
C ALA A 238 24.47 -10.40 13.36
N GLY A 239 25.40 -9.66 13.98
CA GLY A 239 26.35 -10.23 14.91
C GLY A 239 27.78 -10.21 14.42
N LYS A 240 28.00 -10.44 13.13
CA LYS A 240 29.33 -10.58 12.57
C LYS A 240 29.58 -9.52 11.50
N VAL A 241 30.85 -9.31 11.21
CA VAL A 241 31.24 -8.34 10.19
C VAL A 241 30.92 -8.90 8.81
N LEU A 242 30.23 -8.12 8.00
CA LEU A 242 29.88 -8.51 6.63
C LEU A 242 30.60 -7.61 5.64
N HIS A 243 31.15 -8.22 4.60
CA HIS A 243 32.00 -7.55 3.64
C HIS A 243 31.34 -7.47 2.27
N SER A 244 31.75 -6.47 1.50
CA SER A 244 31.43 -6.34 0.09
C SER A 244 32.75 -6.15 -0.67
N ASP A 245 32.65 -5.80 -1.94
CA ASP A 245 33.85 -5.64 -2.76
C ASP A 245 34.76 -4.56 -2.20
N ASN A 246 34.19 -3.43 -1.76
CA ASN A 246 34.98 -2.28 -1.37
C ASN A 246 34.67 -1.74 0.02
N THR A 247 33.78 -2.37 0.78
CA THR A 247 33.44 -1.88 2.10
C THR A 247 32.88 -3.02 2.94
N SER A 248 32.73 -2.75 4.23
CA SER A 248 32.19 -3.72 5.17
C SER A 248 31.48 -2.98 6.29
N ILE A 249 30.57 -3.69 6.96
CA ILE A 249 29.82 -3.13 8.08
C ILE A 249 29.59 -4.21 9.13
N LEU A 250 29.00 -3.81 10.24
CA LEU A 250 28.73 -4.72 11.35
C LEU A 250 27.39 -4.34 11.99
N ALA A 251 26.44 -5.26 11.98
CA ALA A 251 25.15 -5.06 12.62
C ALA A 251 25.14 -5.78 13.95
N VAL A 252 24.93 -5.03 15.03
CA VAL A 252 24.98 -5.55 16.39
C VAL A 252 23.56 -5.49 16.96
N PRO A 253 22.96 -6.61 17.33
CA PRO A 253 21.65 -6.55 18.01
C PRO A 253 21.75 -5.79 19.32
N VAL A 254 20.71 -5.03 19.64
CA VAL A 254 20.63 -4.26 20.87
C VAL A 254 19.59 -4.94 21.76
N MET A 255 20.04 -5.50 22.88
CA MET A 255 19.17 -6.24 23.78
C MET A 255 19.44 -5.80 25.22
N ARG A 256 18.42 -5.99 26.05
CA ARG A 256 18.47 -5.53 27.44
C ARG A 256 19.44 -6.39 28.25
N ASP A 257 20.04 -5.76 29.26
CA ASP A 257 20.89 -6.45 30.22
C ASP A 257 20.07 -6.68 31.49
N SER A 258 19.87 -7.96 31.83
CA SER A 258 19.10 -8.35 33.00
C SER A 258 19.94 -9.07 34.05
N GLY A 259 20.69 -10.08 33.64
CA GLY A 259 21.52 -10.83 34.58
C GLY A 259 22.20 -12.02 33.94
N LYS A 260 22.15 -13.17 34.62
CA LYS A 260 22.83 -14.36 34.12
C LYS A 260 22.13 -14.90 32.87
N HIS A 261 20.81 -14.81 32.81
CA HIS A 261 20.03 -15.27 31.66
C HIS A 261 19.08 -14.15 31.25
N SER A 262 19.58 -13.23 30.43
CA SER A 262 18.80 -12.09 29.95
C SER A 262 18.22 -12.34 28.57
N LYS A 263 19.07 -12.52 27.57
CA LYS A 263 18.63 -12.76 26.20
C LYS A 263 19.85 -13.11 25.37
N ARG A 264 19.71 -14.14 24.52
CA ARG A 264 20.83 -14.62 23.70
C ARG A 264 20.66 -14.34 22.22
N ARG A 265 19.43 -14.42 21.69
CA ARG A 265 19.18 -14.20 20.28
C ARG A 265 18.17 -13.08 20.10
N PRO A 266 18.31 -12.27 19.04
CA PRO A 266 17.33 -11.19 18.82
C PRO A 266 16.02 -11.75 18.28
N THR A 267 14.95 -10.99 18.51
CA THR A 267 13.61 -11.35 18.08
C THR A 267 13.17 -10.44 16.94
N ALA A 268 11.92 -10.59 16.52
CA ALA A 268 11.41 -9.82 15.39
C ALA A 268 11.43 -8.32 15.65
N SER A 269 11.40 -7.89 16.90
CA SER A 269 11.33 -6.48 17.25
C SER A 269 12.65 -5.92 17.78
N THR A 270 13.72 -6.72 17.80
CA THR A 270 14.99 -6.24 18.34
C THR A 270 15.63 -5.25 17.38
N HIS A 271 16.13 -4.14 17.92
CA HIS A 271 16.79 -3.13 17.12
C HIS A 271 18.25 -3.51 16.88
N HIS A 272 18.86 -2.83 15.91
CA HIS A 272 20.24 -3.09 15.50
C HIS A 272 21.02 -1.79 15.43
N LEU A 273 22.24 -1.83 15.95
CA LEU A 273 23.21 -0.76 15.74
C LEU A 273 24.11 -1.15 14.57
N VAL A 274 24.03 -0.39 13.49
CA VAL A 274 24.80 -0.64 12.28
C VAL A 274 26.04 0.23 12.32
N VAL A 275 27.21 -0.39 12.18
CA VAL A 275 28.50 0.28 12.31
C VAL A 275 29.22 0.19 10.98
N GLY A 276 29.67 1.35 10.48
CA GLY A 276 30.38 1.42 9.22
C GLY A 276 31.63 2.27 9.35
N LEU A 277 32.47 2.18 8.33
CA LEU A 277 33.79 2.81 8.31
C LEU A 277 33.84 3.89 7.24
N SER A 278 34.53 4.98 7.55
CA SER A 278 34.79 6.06 6.61
C SER A 278 36.22 6.54 6.81
N LYS A 279 36.67 7.40 5.90
CA LYS A 279 38.02 7.92 5.99
C LYS A 279 38.17 8.72 7.29
N PRO A 280 39.33 8.65 7.95
CA PRO A 280 39.50 9.39 9.21
C PRO A 280 39.52 10.90 8.98
N GLY A 281 39.45 11.63 10.08
CA GLY A 281 39.50 13.08 10.02
C GLY A 281 38.37 13.76 10.75
N CYS A 282 37.69 13.05 11.65
CA CYS A 282 36.61 13.62 12.45
C CYS A 282 36.73 13.11 13.87
N GLU A 283 35.79 13.51 14.72
CA GLU A 283 35.81 13.13 16.13
C GLU A 283 35.57 11.63 16.34
N HIS A 284 35.16 10.90 15.31
CA HIS A 284 34.84 9.48 15.43
C HIS A 284 35.99 8.59 14.99
N ASP A 285 37.22 9.10 14.97
CA ASP A 285 38.35 8.29 14.56
C ASP A 285 38.59 7.15 15.54
N PHE A 286 39.03 6.02 15.00
CA PHE A 286 39.42 4.86 15.79
C PHE A 286 40.71 4.31 15.19
N GLU A 287 41.66 3.99 16.07
CA GLU A 287 42.98 3.54 15.68
C GLU A 287 43.28 2.20 16.35
N PHE A 288 43.86 1.28 15.59
CA PHE A 288 44.27 -0.01 16.14
C PHE A 288 45.34 -0.61 15.23
N ASP A 289 46.48 -0.96 15.82
CA ASP A 289 47.56 -1.63 15.09
C ASP A 289 47.98 -0.84 13.86
N GLY A 290 48.01 0.48 13.98
CA GLY A 290 48.41 1.34 12.89
C GLY A 290 47.35 1.58 11.83
N TYR A 291 46.15 1.04 12.00
CA TYR A 291 45.06 1.25 11.07
C TYR A 291 44.08 2.26 11.67
N ARG A 292 43.73 3.26 10.88
CA ARG A 292 42.91 4.37 11.32
C ARG A 292 41.67 4.49 10.44
N ALA A 293 40.52 4.72 11.07
CA ALA A 293 39.29 4.90 10.30
C ALA A 293 38.22 5.49 11.21
N ALA A 294 37.36 6.35 10.64
CA ALA A 294 36.26 6.89 11.38
C ALA A 294 35.12 5.87 11.43
N VAL A 295 34.62 5.61 12.63
CA VAL A 295 33.56 4.63 12.85
C VAL A 295 32.26 5.39 13.09
N HIS A 296 31.27 5.15 12.24
CA HIS A 296 29.99 5.84 12.32
C HIS A 296 28.87 4.82 12.49
N VAL A 297 27.94 5.12 13.40
CA VAL A 297 26.91 4.17 13.81
C VAL A 297 25.53 4.74 13.48
N MET A 298 24.56 3.83 13.40
CA MET A 298 23.17 4.19 13.11
C MET A 298 22.27 3.19 13.82
N HIS A 299 21.36 3.68 14.65
CA HIS A 299 20.45 2.83 15.42
C HIS A 299 19.14 2.71 14.64
N LEU A 300 18.82 1.49 14.21
CA LEU A 300 17.66 1.24 13.37
C LEU A 300 16.80 0.13 13.97
N ASP A 301 15.50 0.32 13.95
CA ASP A 301 14.58 -0.76 14.23
C ASP A 301 14.40 -1.63 12.99
N PRO A 302 13.90 -2.86 13.14
CA PRO A 302 13.88 -3.79 11.99
C PRO A 302 13.15 -3.26 10.77
N LYS A 303 12.03 -2.55 10.96
CA LYS A 303 11.30 -2.04 9.82
C LYS A 303 12.10 -0.99 9.06
N GLN A 304 12.78 -0.10 9.78
CA GLN A 304 13.62 0.89 9.11
C GLN A 304 14.75 0.22 8.35
N SER A 305 15.37 -0.80 8.93
CA SER A 305 16.45 -1.51 8.26
C SER A 305 15.94 -2.15 6.98
N ALA A 306 14.80 -2.84 7.05
CA ALA A 306 14.25 -3.47 5.85
C ALA A 306 13.90 -2.43 4.79
N ASN A 307 13.32 -1.30 5.21
CA ASN A 307 12.97 -0.26 4.25
C ASN A 307 14.21 0.31 3.56
N ILE A 308 15.27 0.56 4.34
CA ILE A 308 16.48 1.12 3.75
C ILE A 308 17.14 0.11 2.81
N GLY A 309 17.20 -1.17 3.21
CA GLY A 309 17.93 -2.15 2.45
C GLY A 309 17.27 -2.58 1.16
N GLU A 310 15.95 -2.38 1.03
CA GLU A 310 15.20 -2.86 -0.12
C GLU A 310 15.19 -1.87 -1.28
N GLN A 311 15.77 -0.69 -1.12
CA GLN A 311 15.75 0.31 -2.17
C GLN A 311 16.78 -0.02 -3.24
N ASP A 312 16.41 0.19 -4.50
CA ASP A 312 17.29 -0.03 -5.65
C ASP A 312 17.85 1.32 -6.07
N PHE A 313 19.08 1.61 -5.62
CA PHE A 313 19.69 2.90 -5.89
C PHE A 313 19.97 3.09 -7.38
N VAL A 314 20.56 2.08 -8.02
CA VAL A 314 20.98 2.22 -9.41
C VAL A 314 19.78 2.42 -10.32
N SER A 315 18.74 1.61 -10.14
CA SER A 315 17.56 1.73 -10.99
C SER A 315 16.86 3.07 -10.78
N THR A 316 16.77 3.52 -9.52
CA THR A 316 16.18 4.82 -9.25
C THR A 316 16.95 5.93 -9.93
N ARG A 317 18.28 5.89 -9.86
CA ARG A 317 19.09 6.91 -10.52
C ARG A 317 18.88 6.87 -12.03
N GLU A 318 18.84 5.67 -12.61
CA GLU A 318 18.63 5.56 -14.06
C GLU A 318 17.27 6.10 -14.47
N ILE A 319 16.23 5.78 -13.71
CA ILE A 319 14.89 6.26 -14.05
C ILE A 319 14.82 7.77 -13.94
N TYR A 320 15.41 8.35 -12.88
CA TYR A 320 15.38 9.80 -12.73
C TYR A 320 16.07 10.50 -13.90
N LYS A 321 17.11 9.88 -14.47
CA LYS A 321 17.89 10.52 -15.52
C LYS A 321 17.17 10.61 -16.85
N LEU A 322 16.07 9.90 -17.04
CA LEU A 322 15.44 9.84 -18.35
C LEU A 322 14.95 11.21 -18.81
N ASP A 323 14.31 11.96 -17.92
CA ASP A 323 13.67 13.22 -18.26
C ASP A 323 14.08 14.30 -17.25
N MET A 324 15.39 14.46 -17.07
CA MET A 324 15.95 15.30 -16.04
C MET A 324 16.75 16.44 -16.66
N LEU A 325 16.58 17.64 -16.11
CA LEU A 325 17.35 18.80 -16.51
C LEU A 325 18.76 18.74 -15.91
N GLU A 326 19.65 19.56 -16.43
CA GLU A 326 21.03 19.58 -15.96
C GLU A 326 21.09 19.90 -14.48
N LEU A 327 21.90 19.12 -13.75
CA LEU A 327 22.05 19.31 -12.30
C LEU A 327 23.21 20.25 -12.02
N PRO A 328 23.00 21.34 -11.29
CA PRO A 328 24.10 22.28 -11.03
C PRO A 328 25.08 21.70 -10.02
N PRO A 329 26.32 22.17 -10.02
CA PRO A 329 27.24 21.79 -8.94
C PRO A 329 26.84 22.45 -7.63
N ILE A 330 26.94 21.69 -6.54
CA ILE A 330 26.53 22.15 -5.22
C ILE A 330 27.67 21.93 -4.24
N SER A 331 27.59 22.66 -3.13
CA SER A 331 28.64 22.66 -2.11
C SER A 331 28.29 21.68 -1.00
N ARG A 332 29.16 21.63 0.01
CA ARG A 332 28.93 20.77 1.17
C ARG A 332 27.60 21.07 1.85
N LYS A 333 27.17 22.33 1.80
CA LYS A 333 25.93 22.76 2.46
C LYS A 333 24.73 22.76 1.52
N GLY A 334 24.89 22.30 0.29
CA GLY A 334 23.78 22.24 -0.65
C GLY A 334 23.51 23.52 -1.40
N ASP A 335 24.41 24.50 -1.35
CA ASP A 335 24.23 25.75 -2.06
C ASP A 335 24.87 25.68 -3.44
N LEU A 336 24.31 26.46 -4.37
CA LEU A 336 24.87 26.54 -5.72
C LEU A 336 26.28 27.12 -5.66
N ASP A 337 27.28 26.29 -5.99
CA ASP A 337 28.68 26.70 -5.97
C ASP A 337 29.28 26.30 -7.32
N ARG A 338 29.15 27.19 -8.30
CA ARG A 338 29.63 26.88 -9.64
C ARG A 338 31.15 26.76 -9.67
N ALA A 339 31.86 27.62 -8.94
CA ALA A 339 33.31 27.63 -8.99
C ALA A 339 33.90 26.35 -8.44
N SER A 340 33.40 25.87 -7.30
CA SER A 340 33.99 24.73 -6.61
C SER A 340 32.98 23.64 -6.25
N GLY A 341 31.75 23.73 -6.73
CA GLY A 341 30.77 22.71 -6.44
C GLY A 341 30.97 21.45 -7.26
N LEU A 342 30.29 20.38 -6.82
CA LEU A 342 30.37 19.09 -7.48
C LEU A 342 28.96 18.60 -7.78
N GLU A 343 28.78 18.06 -8.99
CA GLU A 343 27.50 17.47 -9.36
C GLU A 343 27.29 16.11 -8.69
N THR A 344 28.37 15.39 -8.42
CA THR A 344 28.24 14.06 -7.81
C THR A 344 27.54 14.12 -6.47
N ARG A 345 27.55 15.28 -5.80
CA ARG A 345 26.86 15.39 -4.52
C ARG A 345 25.38 15.03 -4.66
N TRP A 346 24.80 15.24 -5.84
CA TRP A 346 23.40 14.87 -6.03
C TRP A 346 23.19 13.39 -5.76
N ASP A 347 24.10 12.55 -6.24
CA ASP A 347 24.03 11.13 -5.92
C ASP A 347 23.96 10.93 -4.40
N VAL A 348 24.83 11.65 -3.67
CA VAL A 348 24.81 11.56 -2.21
C VAL A 348 23.42 11.88 -1.70
N ILE A 349 22.82 12.95 -2.22
CA ILE A 349 21.48 13.32 -1.78
C ILE A 349 20.52 12.15 -1.97
N LEU A 350 20.59 11.51 -3.14
CA LEU A 350 19.74 10.35 -3.38
C LEU A 350 20.00 9.29 -2.32
N LEU A 351 21.27 9.01 -2.03
CA LEU A 351 21.58 8.04 -1.00
C LEU A 351 20.93 8.43 0.32
N LEU A 352 20.97 9.72 0.66
CA LEU A 352 20.33 10.16 1.91
C LEU A 352 18.85 9.82 1.88
N GLU A 353 18.19 10.05 0.75
CA GLU A 353 16.77 9.70 0.66
C GLU A 353 16.56 8.22 0.91
N CYS A 354 17.49 7.38 0.45
CA CYS A 354 17.38 5.95 0.72
C CYS A 354 17.60 5.65 2.20
N LEU A 355 18.50 6.39 2.85
CA LEU A 355 18.77 6.15 4.26
C LEU A 355 17.65 6.65 5.16
N ASP A 356 16.90 7.65 4.70
CA ASP A 356 15.83 8.25 5.51
C ASP A 356 14.60 7.36 5.44
N SER A 357 14.28 6.70 6.56
CA SER A 357 13.10 5.84 6.60
C SER A 357 11.80 6.61 6.67
N THR A 358 11.84 7.89 7.07
CA THR A 358 10.64 8.72 7.08
C THR A 358 10.27 9.22 5.70
N ARG A 359 11.21 9.24 4.76
CA ARG A 359 10.95 9.61 3.37
C ARG A 359 10.21 10.95 3.29
N VAL A 360 10.67 11.93 4.07
CA VAL A 360 10.06 13.26 4.03
C VAL A 360 10.27 13.91 2.67
N SER A 361 11.32 13.50 1.96
CA SER A 361 11.53 14.01 0.61
C SER A 361 10.33 13.74 -0.28
N GLN A 362 9.59 12.65 -0.02
CA GLN A 362 8.39 12.38 -0.79
C GLN A 362 7.32 13.46 -0.56
N ALA A 363 7.13 13.87 0.70
CA ALA A 363 6.19 14.95 0.98
C ALA A 363 6.63 16.23 0.30
N VAL A 364 7.93 16.56 0.39
CA VAL A 364 8.42 17.77 -0.26
C VAL A 364 8.19 17.70 -1.77
N ALA A 365 8.43 16.52 -2.36
CA ALA A 365 8.26 16.36 -3.80
C ALA A 365 6.80 16.52 -4.21
N GLN A 366 5.88 15.95 -3.44
CA GLN A 366 4.46 16.10 -3.76
C GLN A 366 4.04 17.57 -3.67
N HIS A 367 4.48 18.26 -2.63
CA HIS A 367 4.12 19.68 -2.50
C HIS A 367 4.74 20.49 -3.64
N PHE A 368 5.96 20.17 -4.04
CA PHE A 368 6.59 20.89 -5.14
C PHE A 368 5.92 20.60 -6.47
N ASN A 369 5.42 19.38 -6.67
CA ASN A 369 4.62 19.09 -7.85
C ASN A 369 3.37 19.95 -7.88
N ARG A 370 2.66 20.02 -6.75
CA ARG A 370 1.50 20.91 -6.68
C ARG A 370 1.89 22.34 -7.00
N HIS A 371 3.01 22.80 -6.43
CA HIS A 371 3.48 24.16 -6.65
C HIS A 371 3.73 24.41 -8.13
N ARG A 372 4.43 23.49 -8.79
CA ARG A 372 4.76 23.67 -10.20
C ARG A 372 3.52 23.66 -11.07
N LEU A 373 2.48 22.93 -10.67
CA LEU A 373 1.25 22.88 -11.45
C LEU A 373 0.27 23.99 -11.12
N ALA A 374 0.54 24.78 -10.08
CA ALA A 374 -0.46 25.72 -9.55
C ALA A 374 -0.36 27.09 -10.21
N LEU A 375 -1.52 27.66 -10.51
CA LEU A 375 -1.62 29.08 -10.87
C LEU A 375 -1.93 29.94 -9.66
N SER A 376 -2.80 29.45 -8.78
CA SER A 376 -3.19 30.17 -7.58
C SER A 376 -3.35 29.17 -6.43
N VAL A 377 -2.93 29.59 -5.23
CA VAL A 377 -3.00 28.77 -4.04
C VAL A 377 -3.61 29.60 -2.92
N CYS A 378 -3.83 28.95 -1.77
CA CYS A 378 -4.42 29.62 -0.63
C CYS A 378 -3.36 30.44 0.12
N LYS A 379 -3.75 31.62 0.56
CA LYS A 379 -2.81 32.53 1.21
C LYS A 379 -2.38 31.98 2.56
N ASP A 380 -1.06 31.92 2.78
CA ASP A 380 -0.42 31.57 4.04
C ASP A 380 -0.60 30.10 4.41
N GLU A 381 -1.32 29.31 3.63
CA GLU A 381 -1.56 27.90 3.92
C GLU A 381 -0.80 26.96 3.01
N PHE A 382 -0.71 27.27 1.72
CA PHE A 382 0.08 26.44 0.81
C PHE A 382 1.56 26.48 1.19
N ARG A 383 2.06 27.65 1.59
CA ARG A 383 3.45 27.76 1.97
C ARG A 383 3.77 26.89 3.18
N LYS A 384 2.85 26.81 4.14
CA LYS A 384 3.07 25.99 5.33
C LYS A 384 3.27 24.52 4.97
N GLY A 385 2.85 24.11 3.76
CA GLY A 385 3.10 22.74 3.33
C GLY A 385 4.57 22.40 3.22
N TYR A 386 5.45 23.40 3.16
CA TYR A 386 6.88 23.15 3.13
C TYR A 386 7.51 23.09 4.51
N GLN A 387 6.76 23.40 5.57
CA GLN A 387 7.26 23.36 6.94
C GLN A 387 6.94 22.00 7.53
N LEU A 388 7.87 21.06 7.37
CA LEU A 388 7.67 19.68 7.77
C LEU A 388 8.61 19.26 8.90
N ALA A 389 9.26 20.21 9.58
CA ALA A 389 10.17 19.84 10.65
C ALA A 389 9.44 19.16 11.80
N SER A 390 8.25 19.66 12.15
CA SER A 390 7.50 19.06 13.25
C SER A 390 7.01 17.66 12.93
N GLU A 391 6.95 17.30 11.64
CA GLU A 391 6.45 15.98 11.25
C GLU A 391 7.49 14.88 11.44
N ILE A 392 8.77 15.23 11.59
CA ILE A 392 9.85 14.26 11.64
C ILE A 392 10.72 14.55 12.86
N ARG A 393 11.66 13.64 13.12
CA ARG A 393 12.61 13.81 14.21
C ARG A 393 13.82 12.93 13.92
N GLY A 394 15.02 13.49 14.13
CA GLY A 394 16.24 12.74 13.92
C GLY A 394 17.20 13.42 12.98
N THR A 395 18.48 13.06 13.06
CA THR A 395 19.49 13.68 12.20
C THR A 395 19.22 13.37 10.73
N ILE A 396 19.05 12.09 10.40
CA ILE A 396 18.87 11.70 8.99
C ILE A 396 17.61 12.31 8.39
N PRO A 397 16.43 12.17 9.01
CA PRO A 397 15.24 12.83 8.43
C PRO A 397 15.38 14.33 8.30
N LEU A 398 15.97 14.99 9.30
CA LEU A 398 16.14 16.44 9.23
C LEU A 398 17.04 16.84 8.08
N SER A 399 18.16 16.13 7.91
CA SER A 399 19.05 16.42 6.79
C SER A 399 18.35 16.17 5.46
N SER A 400 17.57 15.08 5.37
CA SER A 400 16.85 14.79 4.14
C SER A 400 15.86 15.90 3.81
N LEU A 401 15.12 16.39 4.80
CA LEU A 401 14.19 17.48 4.58
C LEU A 401 14.93 18.74 4.14
N TYR A 402 16.04 19.06 4.81
CA TYR A 402 16.80 20.25 4.46
C TYR A 402 17.29 20.18 3.03
N TYR A 403 17.81 19.03 2.61
CA TYR A 403 18.35 18.93 1.26
C TYR A 403 17.26 18.81 0.20
N SER A 404 16.08 18.30 0.55
CA SER A 404 14.95 18.37 -0.37
C SER A 404 14.55 19.83 -0.61
N LEU A 405 14.47 20.61 0.47
CA LEU A 405 14.18 22.04 0.30
C LEU A 405 15.27 22.73 -0.49
N CYS A 406 16.53 22.34 -0.26
CA CYS A 406 17.64 22.89 -1.04
C CYS A 406 17.49 22.55 -2.52
N ALA A 407 17.06 21.32 -2.83
CA ALA A 407 16.84 20.94 -4.22
C ALA A 407 15.73 21.77 -4.85
N VAL A 408 14.65 22.00 -4.11
CA VAL A 408 13.58 22.85 -4.63
C VAL A 408 14.11 24.26 -4.89
N ARG A 409 14.88 24.80 -3.95
CA ARG A 409 15.47 26.13 -4.12
C ARG A 409 16.38 26.18 -5.34
N LEU A 410 17.21 25.16 -5.52
CA LEU A 410 18.13 25.13 -6.66
C LEU A 410 17.37 25.03 -7.97
N ARG A 411 16.28 24.25 -8.00
CA ARG A 411 15.48 24.19 -9.22
C ARG A 411 14.87 25.55 -9.53
N MET A 412 14.34 26.23 -8.51
CA MET A 412 13.74 27.54 -8.75
C MET A 412 14.81 28.57 -9.15
N THR A 413 16.06 28.36 -8.75
CA THR A 413 17.12 29.31 -9.07
C THR A 413 17.70 29.07 -10.46
N VAL A 414 17.90 27.82 -10.84
CA VAL A 414 18.65 27.49 -12.06
C VAL A 414 17.71 27.33 -13.25
N HIS A 415 16.54 26.72 -13.04
CA HIS A 415 15.57 26.50 -14.11
C HIS A 415 14.21 27.03 -13.64
N PRO A 416 14.04 28.35 -13.59
CA PRO A 416 12.75 28.90 -13.16
C PRO A 416 11.61 28.43 -14.06
N PHE A 417 10.46 28.18 -13.44
CA PHE A 417 9.28 27.72 -14.17
C PHE A 417 8.17 28.77 -14.09
N MET B 1 16.50 14.89 -7.14
CA MET B 1 16.41 14.58 -8.60
C MET B 1 14.99 14.77 -9.10
N TRP B 2 14.02 14.49 -8.23
CA TRP B 2 12.62 14.74 -8.58
C TRP B 2 12.36 16.22 -8.84
N ALA B 3 13.15 17.10 -8.22
CA ALA B 3 12.95 18.53 -8.39
C ALA B 3 13.37 19.03 -9.77
N PHE B 4 14.30 18.33 -10.42
CA PHE B 4 14.83 18.76 -11.71
C PHE B 4 14.23 17.98 -12.88
N GLN B 5 13.05 17.40 -12.70
CA GLN B 5 12.34 16.76 -13.80
C GLN B 5 11.71 17.82 -14.69
N GLU B 6 11.83 17.63 -16.00
CA GLU B 6 11.20 18.56 -16.94
C GLU B 6 9.68 18.51 -16.83
N GLY B 7 9.12 17.31 -16.68
CA GLY B 7 7.69 17.13 -16.56
C GLY B 7 7.24 16.96 -15.12
N VAL B 8 6.04 16.43 -14.96
CA VAL B 8 5.45 16.23 -13.63
C VAL B 8 6.03 14.97 -13.01
N CYS B 9 6.39 15.05 -11.74
CA CYS B 9 6.91 13.91 -11.00
C CYS B 9 6.45 14.00 -9.55
N LYS B 10 5.85 12.92 -9.06
CA LYS B 10 5.39 12.85 -7.68
C LYS B 10 6.46 12.31 -6.73
N GLY B 11 7.60 11.86 -7.24
CA GLY B 11 8.65 11.31 -6.40
C GLY B 11 8.24 10.03 -5.70
N ASN B 12 7.64 9.09 -6.45
CA ASN B 12 7.20 7.82 -5.92
C ASN B 12 8.20 6.70 -6.17
N LEU B 13 9.41 7.02 -6.64
CA LEU B 13 10.37 5.98 -7.01
C LEU B 13 10.92 5.22 -5.81
N LEU B 14 10.73 5.71 -4.59
CA LEU B 14 11.15 5.01 -3.39
C LEU B 14 9.93 4.51 -2.63
N SER B 15 10.18 3.59 -1.70
CA SER B 15 9.12 3.06 -0.86
C SER B 15 8.61 4.14 0.10
N GLY B 16 7.42 3.91 0.65
CA GLY B 16 6.84 4.81 1.61
C GLY B 16 7.52 4.69 2.96
N PRO B 17 7.18 5.59 3.88
CA PRO B 17 7.79 5.55 5.20
C PRO B 17 7.31 4.37 6.03
N THR B 18 8.14 3.95 6.98
CA THR B 18 7.77 2.89 7.89
C THR B 18 8.57 3.05 9.18
N SER B 19 8.10 2.39 10.23
CA SER B 19 8.75 2.41 11.54
C SER B 19 7.98 1.47 12.45
N MET B 20 8.56 1.18 13.61
CA MET B 20 7.94 0.35 14.62
C MET B 20 7.20 1.17 15.68
N LYS B 21 6.91 2.44 15.37
CA LYS B 21 6.21 3.30 16.32
C LYS B 21 4.83 2.73 16.65
N ALA B 22 4.43 2.85 17.91
CA ALA B 22 3.12 2.40 18.32
C ALA B 22 2.04 3.32 17.75
N PRO B 23 0.83 2.78 17.51
CA PRO B 23 -0.24 3.62 16.95
C PRO B 23 -0.99 4.45 17.97
N ASP B 24 -0.58 4.47 19.23
CA ASP B 24 -1.34 5.15 20.26
C ASP B 24 -1.46 6.64 19.98
N SER B 25 -0.33 7.29 19.69
CA SER B 25 -0.33 8.74 19.56
C SER B 25 -1.17 9.19 18.37
N ALA B 26 -1.03 8.52 17.22
CA ALA B 26 -1.79 8.90 16.04
C ALA B 26 -3.29 8.74 16.27
N ALA B 27 -3.70 7.62 16.86
CA ALA B 27 -5.12 7.40 17.13
C ALA B 27 -5.65 8.43 18.12
N ARG B 28 -4.88 8.72 19.17
CA ARG B 28 -5.32 9.72 20.14
C ARG B 28 -5.46 11.08 19.48
N GLU B 29 -4.52 11.45 18.62
CA GLU B 29 -4.60 12.73 17.94
C GLU B 29 -5.81 12.80 17.03
N SER B 30 -6.09 11.71 16.30
CA SER B 30 -7.26 11.69 15.43
C SER B 30 -8.55 11.83 16.24
N ILE B 31 -8.65 11.12 17.37
CA ILE B 31 -9.84 11.20 18.21
C ILE B 31 -10.00 12.61 18.76
N ASP B 32 -8.90 13.21 19.20
CA ASP B 32 -8.97 14.58 19.72
C ASP B 32 -9.39 15.55 18.63
N ARG B 33 -8.91 15.37 17.41
CA ARG B 33 -9.32 16.22 16.30
C ARG B 33 -10.81 16.09 16.04
N ALA B 34 -11.32 14.85 16.05
CA ALA B 34 -12.75 14.65 15.85
C ALA B 34 -13.56 15.32 16.97
N SER B 35 -13.09 15.18 18.21
CA SER B 35 -13.78 15.81 19.33
C SER B 35 -13.80 17.32 19.20
N GLU B 36 -12.67 17.91 18.78
CA GLU B 36 -12.63 19.35 18.58
C GLU B 36 -13.59 19.78 17.48
N ILE B 37 -13.67 19.01 16.39
CA ILE B 37 -14.61 19.32 15.32
C ILE B 37 -16.04 19.27 15.85
N MET B 38 -16.33 18.30 16.72
CA MET B 38 -17.67 18.20 17.28
C MET B 38 -18.06 19.46 18.03
N THR B 39 -17.08 20.15 18.63
CA THR B 39 -17.39 21.36 19.38
C THR B 39 -17.78 22.53 18.47
N GLY B 40 -17.38 22.49 17.20
CA GLY B 40 -17.74 23.55 16.28
C GLY B 40 -16.77 24.70 16.22
N LYS B 41 -15.51 24.50 16.59
CA LYS B 41 -14.50 25.56 16.58
C LYS B 41 -13.42 25.35 15.53
N SER B 42 -13.34 24.18 14.91
CA SER B 42 -12.27 23.89 13.96
C SER B 42 -12.79 23.70 12.53
N TYR B 43 -13.73 22.79 12.34
CA TYR B 43 -14.25 22.50 11.00
C TYR B 43 -15.73 22.16 11.11
N ASN B 44 -16.42 22.31 9.98
CA ASN B 44 -17.85 22.06 9.93
C ASN B 44 -18.14 20.58 9.82
N ALA B 45 -19.03 20.08 10.68
CA ALA B 45 -19.49 18.70 10.62
C ALA B 45 -21.02 18.62 10.56
N VAL B 46 -21.70 19.73 10.31
CA VAL B 46 -23.16 19.76 10.20
C VAL B 46 -23.51 19.86 8.72
N HIS B 47 -24.23 18.87 8.22
CA HIS B 47 -24.59 18.81 6.80
C HIS B 47 -25.88 19.59 6.57
N THR B 48 -25.82 20.55 5.64
CA THR B 48 -26.95 21.41 5.34
C THR B 48 -27.52 21.19 3.94
N GLY B 49 -26.76 20.63 3.02
CA GLY B 49 -27.22 20.48 1.65
C GLY B 49 -28.41 19.55 1.55
N ASP B 50 -29.15 19.71 0.45
CA ASP B 50 -30.36 18.95 0.21
C ASP B 50 -30.04 17.71 -0.61
N LEU B 51 -30.50 16.54 -0.14
CA LEU B 51 -30.25 15.26 -0.79
C LEU B 51 -31.54 14.65 -1.33
N SER B 52 -32.56 15.45 -1.60
CA SER B 52 -33.83 14.92 -2.05
C SER B 52 -33.77 14.32 -3.45
N LYS B 53 -32.78 14.71 -4.26
CA LYS B 53 -32.69 14.20 -5.63
C LYS B 53 -32.20 12.76 -5.69
N LEU B 54 -31.72 12.20 -4.59
CA LEU B 54 -31.21 10.84 -4.62
C LEU B 54 -32.37 9.85 -4.73
N PRO B 55 -32.24 8.80 -5.53
CA PRO B 55 -33.29 7.79 -5.61
C PRO B 55 -33.35 6.95 -4.35
N ASN B 56 -34.51 6.35 -4.12
CA ASN B 56 -34.77 5.51 -2.96
C ASN B 56 -34.63 4.04 -3.35
N GLN B 57 -33.78 3.32 -2.64
CA GLN B 57 -33.55 1.90 -2.86
C GLN B 57 -34.25 1.03 -1.81
N GLY B 58 -35.16 1.60 -1.03
CA GLY B 58 -35.77 0.85 0.04
C GLY B 58 -36.48 -0.42 -0.41
N GLU B 59 -36.95 -0.45 -1.66
CA GLU B 59 -37.66 -1.60 -2.17
C GLU B 59 -36.74 -2.68 -2.70
N SER B 60 -35.44 -2.43 -2.80
CA SER B 60 -34.53 -3.46 -3.28
C SER B 60 -34.45 -4.60 -2.27
N PRO B 61 -34.37 -5.85 -2.74
CA PRO B 61 -34.25 -6.97 -1.80
C PRO B 61 -32.93 -6.94 -1.07
N LEU B 62 -32.95 -7.40 0.18
CA LEU B 62 -31.74 -7.45 1.00
C LEU B 62 -30.84 -8.58 0.49
N ARG B 63 -29.71 -8.21 -0.11
CA ARG B 63 -28.76 -9.17 -0.66
C ARG B 63 -27.39 -8.91 -0.07
N ILE B 64 -26.67 -10.00 0.21
CA ILE B 64 -25.36 -9.92 0.84
C ILE B 64 -24.40 -10.83 0.07
N VAL B 65 -23.20 -10.32 -0.20
CA VAL B 65 -22.16 -11.09 -0.87
C VAL B 65 -21.29 -11.75 0.21
N ASP B 66 -21.30 -13.08 0.26
CA ASP B 66 -20.60 -13.78 1.32
C ASP B 66 -19.08 -13.62 1.20
N SER B 67 -18.56 -13.53 -0.02
CA SER B 67 -17.11 -13.48 -0.21
C SER B 67 -16.51 -12.25 0.48
N ASP B 68 -17.17 -11.10 0.37
CA ASP B 68 -16.65 -9.88 0.96
C ASP B 68 -16.61 -9.93 2.48
N LEU B 69 -17.31 -10.87 3.11
CA LEU B 69 -17.37 -10.96 4.56
C LEU B 69 -16.31 -11.91 5.13
N TYR B 70 -15.52 -12.57 4.28
CA TYR B 70 -14.44 -13.44 4.73
C TYR B 70 -13.16 -13.00 4.05
N SER B 71 -12.11 -12.78 4.85
CA SER B 71 -10.82 -12.39 4.29
C SER B 71 -9.73 -12.70 5.31
N GLU B 72 -8.51 -12.79 4.82
CA GLU B 72 -7.35 -12.96 5.69
C GLU B 72 -6.99 -11.68 6.43
N ARG B 73 -7.61 -10.56 6.09
CA ARG B 73 -7.29 -9.30 6.75
C ARG B 73 -7.83 -9.30 8.18
N SER B 74 -7.34 -8.34 8.97
CA SER B 74 -7.58 -8.33 10.40
C SER B 74 -8.94 -7.71 10.74
N CYS B 75 -9.42 -8.04 11.93
CA CYS B 75 -10.68 -7.52 12.46
C CYS B 75 -10.66 -7.69 13.98
N CYS B 76 -11.61 -7.04 14.63
CA CYS B 76 -11.73 -7.04 16.08
C CYS B 76 -12.93 -7.89 16.49
N TRP B 77 -12.71 -8.83 17.41
CA TRP B 77 -13.76 -9.67 17.96
C TRP B 77 -13.87 -9.41 19.45
N VAL B 78 -15.09 -9.24 19.94
CA VAL B 78 -15.34 -8.86 21.34
C VAL B 78 -15.84 -10.07 22.10
N ILE B 79 -15.29 -10.29 23.28
CA ILE B 79 -15.72 -11.37 24.17
C ILE B 79 -15.87 -10.80 25.58
N GLU B 80 -16.54 -11.57 26.43
CA GLU B 80 -16.78 -11.21 27.83
C GLU B 80 -16.18 -12.27 28.73
N LYS B 81 -15.16 -11.90 29.49
CA LYS B 81 -14.50 -12.84 30.38
C LYS B 81 -15.25 -12.99 31.69
N GLU B 82 -15.37 -11.90 32.45
CA GLU B 82 -16.02 -11.91 33.75
C GLU B 82 -16.82 -10.65 33.98
N GLY B 83 -17.28 -10.00 32.91
CA GLY B 83 -17.98 -8.74 33.03
C GLY B 83 -17.33 -7.66 32.17
N ARG B 84 -16.01 -7.67 32.11
CA ARG B 84 -15.27 -6.73 31.26
C ARG B 84 -15.25 -7.21 29.82
N VAL B 85 -15.09 -6.25 28.91
CA VAL B 85 -15.05 -6.52 27.48
C VAL B 85 -13.60 -6.68 27.05
N VAL B 86 -13.32 -7.74 26.29
CA VAL B 86 -12.00 -8.01 25.76
C VAL B 86 -12.07 -7.95 24.24
N CYS B 87 -11.24 -7.10 23.65
CA CYS B 87 -11.15 -6.95 22.20
C CYS B 87 -9.93 -7.73 21.70
N LYS B 88 -10.16 -8.68 20.81
CA LYS B 88 -9.13 -9.57 20.29
C LYS B 88 -8.92 -9.32 18.81
N SER B 89 -7.67 -9.31 18.39
CA SER B 89 -7.34 -9.19 16.97
C SER B 89 -7.36 -10.57 16.34
N THR B 90 -8.18 -10.73 15.31
CA THR B 90 -8.30 -12.01 14.60
C THR B 90 -8.44 -11.70 13.12
N THR B 91 -8.69 -12.74 12.31
CA THR B 91 -8.96 -12.53 10.90
C THR B 91 -10.45 -12.31 10.71
N LEU B 92 -10.80 -11.56 9.66
CA LEU B 92 -12.21 -11.31 9.37
C LEU B 92 -12.96 -12.62 9.21
N THR B 93 -12.31 -13.64 8.64
CA THR B 93 -12.94 -14.95 8.53
C THR B 93 -13.26 -15.52 9.91
N ARG B 94 -12.28 -15.49 10.81
CA ARG B 94 -12.51 -16.02 12.15
C ARG B 94 -13.55 -15.20 12.91
N GLY B 95 -13.52 -13.88 12.76
CA GLY B 95 -14.51 -13.05 13.41
C GLY B 95 -15.92 -13.35 12.93
N MET B 96 -16.10 -13.47 11.61
CA MET B 96 -17.42 -13.79 11.07
C MET B 96 -17.87 -15.18 11.51
N THR B 97 -16.94 -16.14 11.54
CA THR B 97 -17.29 -17.49 11.99
C THR B 97 -17.72 -17.47 13.46
N SER B 98 -17.01 -16.69 14.30
CA SER B 98 -17.40 -16.58 15.70
C SER B 98 -18.77 -15.93 15.84
N LEU B 99 -19.04 -14.90 15.04
CA LEU B 99 -20.36 -14.26 15.07
C LEU B 99 -21.45 -15.26 14.70
N LEU B 100 -21.23 -16.04 13.65
CA LEU B 100 -22.23 -17.02 13.24
C LEU B 100 -22.41 -18.11 14.30
N ASN B 101 -21.31 -18.53 14.93
CA ASN B 101 -21.41 -19.52 16.00
C ASN B 101 -22.23 -18.97 17.17
N THR B 102 -21.96 -17.72 17.56
CA THR B 102 -22.70 -17.12 18.67
C THR B 102 -24.18 -16.97 18.34
N THR B 103 -24.50 -16.52 17.13
CA THR B 103 -25.89 -16.34 16.72
C THR B 103 -26.53 -17.61 16.18
N LYS B 104 -25.75 -18.68 15.98
CA LYS B 104 -26.27 -19.94 15.47
C LYS B 104 -26.95 -19.74 14.11
N CYS B 105 -26.28 -18.99 13.23
CA CYS B 105 -26.75 -18.73 11.89
C CYS B 105 -25.84 -19.39 10.88
N SER B 106 -26.42 -19.96 9.83
CA SER B 106 -25.65 -20.68 8.82
C SER B 106 -25.01 -19.78 7.79
N SER B 107 -25.43 -18.51 7.70
CA SER B 107 -24.86 -17.59 6.73
C SER B 107 -25.15 -16.17 7.19
N PRO B 108 -24.37 -15.19 6.72
CA PRO B 108 -24.63 -13.80 7.13
C PRO B 108 -26.01 -13.30 6.73
N SER B 109 -26.54 -13.74 5.59
CA SER B 109 -27.88 -13.31 5.19
C SER B 109 -28.93 -13.76 6.18
N GLU B 110 -28.81 -15.01 6.67
CA GLU B 110 -29.73 -15.48 7.71
C GLU B 110 -29.62 -14.61 8.95
N LEU B 111 -28.39 -14.26 9.35
CA LEU B 111 -28.20 -13.44 10.54
C LEU B 111 -28.84 -12.07 10.37
N ILE B 112 -28.66 -11.44 9.21
CA ILE B 112 -29.20 -10.10 9.02
C ILE B 112 -30.73 -10.15 8.98
N CYS B 113 -31.29 -11.17 8.33
CA CYS B 113 -32.75 -11.32 8.34
C CYS B 113 -33.27 -11.51 9.75
N LYS B 114 -32.62 -12.37 10.54
CA LYS B 114 -33.04 -12.57 11.92
C LYS B 114 -32.97 -11.27 12.71
N VAL B 115 -31.88 -10.52 12.55
CA VAL B 115 -31.72 -9.25 13.26
C VAL B 115 -32.83 -8.29 12.87
N LEU B 116 -33.19 -8.24 11.59
CA LEU B 116 -34.20 -7.31 11.14
C LEU B 116 -35.61 -7.74 11.52
N THR B 117 -35.83 -9.03 11.83
CA THR B 117 -37.15 -9.55 12.12
C THR B 117 -37.26 -10.05 13.56
N VAL B 118 -36.78 -9.26 14.52
CA VAL B 118 -37.00 -9.54 15.94
C VAL B 118 -38.05 -8.58 16.47
N GLU B 119 -38.74 -9.01 17.52
CA GLU B 119 -39.79 -8.17 18.12
C GLU B 119 -39.21 -7.06 18.98
N SER B 120 -38.10 -7.32 19.68
CA SER B 120 -37.50 -6.33 20.57
C SER B 120 -35.99 -6.47 20.52
N LEU B 121 -35.30 -5.53 21.19
CA LEU B 121 -33.85 -5.57 21.25
C LEU B 121 -33.34 -6.65 22.18
N SER B 122 -34.12 -7.02 23.20
CA SER B 122 -33.71 -8.04 24.15
C SER B 122 -33.96 -9.46 23.63
N GLU B 123 -34.73 -9.62 22.57
CA GLU B 123 -34.98 -10.95 22.03
C GLU B 123 -33.66 -11.63 21.67
N LYS B 124 -33.53 -12.89 22.05
CA LYS B 124 -32.28 -13.62 21.92
C LYS B 124 -32.17 -14.26 20.54
N ILE B 125 -31.07 -13.99 19.85
CA ILE B 125 -30.70 -14.69 18.63
C ILE B 125 -29.52 -15.58 18.98
N GLY B 126 -29.78 -16.86 19.17
CA GLY B 126 -28.75 -17.77 19.63
C GLY B 126 -28.32 -17.46 21.05
N ASP B 127 -27.04 -17.13 21.24
CA ASP B 127 -26.51 -16.79 22.55
C ASP B 127 -26.40 -15.28 22.76
N THR B 128 -26.95 -14.48 21.85
CA THR B 128 -26.86 -13.03 21.94
C THR B 128 -28.18 -12.42 21.50
N SER B 129 -28.24 -11.10 21.51
CA SER B 129 -29.41 -10.35 21.06
C SER B 129 -28.95 -9.15 20.25
N VAL B 130 -29.91 -8.44 19.68
CA VAL B 130 -29.58 -7.26 18.87
C VAL B 130 -28.96 -6.18 19.75
N GLU B 131 -29.43 -6.05 21.00
CA GLU B 131 -28.86 -5.08 21.91
C GLU B 131 -27.38 -5.38 22.16
N GLU B 132 -27.06 -6.64 22.46
CA GLU B 132 -25.68 -7.01 22.71
C GLU B 132 -24.84 -6.91 21.45
N LEU B 133 -25.42 -7.24 20.28
CA LEU B 133 -24.71 -7.09 19.03
C LEU B 133 -24.34 -5.63 18.79
N LEU B 134 -25.28 -4.71 19.02
CA LEU B 134 -25.00 -3.29 18.85
C LEU B 134 -23.97 -2.82 19.87
N SER B 135 -24.04 -3.33 21.10
CA SER B 135 -23.04 -2.95 22.10
C SER B 135 -21.65 -3.40 21.69
N HIS B 136 -21.53 -4.62 21.17
CA HIS B 136 -20.22 -5.15 20.79
C HIS B 136 -19.70 -4.56 19.49
N GLY B 137 -20.58 -4.17 18.58
CA GLY B 137 -20.16 -3.67 17.29
C GLY B 137 -19.64 -2.25 17.28
N ARG B 138 -19.68 -1.57 18.42
CA ARG B 138 -19.17 -0.20 18.53
C ARG B 138 -17.72 -0.16 19.00
N TYR B 139 -17.07 -1.30 19.16
CA TYR B 139 -15.69 -1.36 19.63
C TYR B 139 -14.74 -1.46 18.45
N PHE B 140 -13.71 -0.63 18.45
CA PHE B 140 -12.70 -0.62 17.40
C PHE B 140 -11.31 -0.74 18.01
N LYS B 141 -10.42 -1.40 17.31
CA LYS B 141 -9.01 -1.46 17.66
C LYS B 141 -8.21 -0.58 16.70
N CYS B 142 -7.04 -0.15 17.14
CA CYS B 142 -6.23 0.79 16.37
C CYS B 142 -4.91 0.15 15.95
N ALA B 143 -4.44 0.55 14.77
CA ALA B 143 -3.15 0.11 14.24
C ALA B 143 -2.58 1.22 13.39
N LEU B 144 -1.33 1.06 12.97
CA LEU B 144 -0.61 2.06 12.21
C LEU B 144 -0.65 1.72 10.73
N ARG B 145 -1.02 2.70 9.91
CA ARG B 145 -1.00 2.58 8.45
C ARG B 145 0.29 3.22 7.96
N ASP B 146 1.27 2.39 7.61
CA ASP B 146 2.57 2.86 7.20
C ASP B 146 2.73 2.72 5.68
N GLN B 147 3.91 3.09 5.18
CA GLN B 147 4.24 2.98 3.76
C GLN B 147 3.35 3.89 2.90
N GLU B 148 2.83 4.96 3.50
CA GLU B 148 2.01 5.93 2.78
C GLU B 148 2.92 7.05 2.31
N ARG B 149 3.18 7.10 1.00
CA ARG B 149 4.09 8.10 0.46
C ARG B 149 3.56 9.50 0.73
N GLY B 150 4.45 10.39 1.16
CA GLY B 150 4.08 11.74 1.51
C GLY B 150 3.55 11.93 2.92
N LYS B 151 3.63 10.91 3.76
CA LYS B 151 3.17 10.98 5.15
C LYS B 151 4.31 10.52 6.05
N PRO B 152 5.29 11.39 6.31
CA PRO B 152 6.41 10.98 7.17
C PRO B 152 5.95 10.49 8.53
N LYS B 153 4.91 11.11 9.09
CA LYS B 153 4.29 10.65 10.33
C LYS B 153 3.07 9.82 9.97
N SER B 154 3.09 8.55 10.35
CA SER B 154 2.06 7.62 9.92
C SER B 154 0.73 7.91 10.58
N ARG B 155 -0.34 7.51 9.90
CA ARG B 155 -1.70 7.68 10.40
C ARG B 155 -2.17 6.40 11.08
N ALA B 156 -3.32 6.51 11.75
CA ALA B 156 -3.93 5.38 12.44
C ALA B 156 -5.14 4.88 11.67
N ILE B 157 -5.22 3.57 11.49
CA ILE B 157 -6.39 2.92 10.92
C ILE B 157 -7.00 2.02 11.99
N PHE B 158 -8.21 1.53 11.71
CA PHE B 158 -9.00 0.89 12.75
C PHE B 158 -9.62 -0.41 12.25
N LEU B 159 -9.60 -1.41 13.13
CA LEU B 159 -10.26 -2.69 12.92
C LEU B 159 -11.60 -2.70 13.64
N SER B 160 -12.62 -3.18 12.95
CA SER B 160 -14.00 -3.12 13.40
C SER B 160 -14.54 -4.52 13.68
N HIS B 161 -15.76 -4.55 14.22
CA HIS B 161 -16.46 -5.79 14.55
C HIS B 161 -17.07 -6.42 13.29
N PRO B 162 -17.17 -7.75 13.24
CA PRO B 162 -17.80 -8.38 12.05
C PRO B 162 -19.22 -7.91 11.79
N PHE B 163 -20.01 -7.69 12.83
CA PHE B 163 -21.38 -7.20 12.64
C PHE B 163 -21.38 -5.82 11.98
N PHE B 164 -20.51 -4.93 12.45
CA PHE B 164 -20.31 -3.64 11.82
C PHE B 164 -19.93 -3.82 10.36
N ARG B 165 -19.04 -4.78 10.07
CA ARG B 165 -18.61 -5.01 8.70
C ARG B 165 -19.79 -5.47 7.84
N LEU B 166 -20.66 -6.32 8.38
CA LEU B 166 -21.81 -6.79 7.63
C LEU B 166 -22.73 -5.64 7.25
N LEU B 167 -23.13 -4.83 8.24
CA LEU B 167 -24.01 -3.71 7.94
C LEU B 167 -23.33 -2.71 7.00
N SER B 168 -22.04 -2.47 7.21
CA SER B 168 -21.30 -1.55 6.36
C SER B 168 -21.26 -2.05 4.93
N SER B 169 -21.08 -3.36 4.74
CA SER B 169 -21.07 -3.91 3.39
C SER B 169 -22.40 -3.67 2.70
N VAL B 170 -23.51 -3.90 3.41
CA VAL B 170 -24.82 -3.67 2.79
C VAL B 170 -24.96 -2.20 2.37
N VAL B 171 -24.70 -1.29 3.31
CA VAL B 171 -24.95 0.12 3.01
C VAL B 171 -23.99 0.63 1.96
N GLU B 172 -22.74 0.15 1.95
CA GLU B 172 -21.76 0.62 0.98
C GLU B 172 -22.06 0.09 -0.41
N THR B 173 -22.55 -1.14 -0.51
CA THR B 173 -22.98 -1.65 -1.80
C THR B 173 -24.10 -0.79 -2.36
N HIS B 174 -25.09 -0.45 -1.53
CA HIS B 174 -26.20 0.33 -2.05
C HIS B 174 -25.78 1.77 -2.35
N ALA B 175 -24.86 2.33 -1.56
CA ALA B 175 -24.36 3.68 -1.84
C ALA B 175 -23.58 3.70 -3.15
N ARG B 176 -22.77 2.68 -3.40
CA ARG B 176 -22.06 2.59 -4.68
C ARG B 176 -23.02 2.48 -5.84
N SER B 177 -24.09 1.69 -5.67
CA SER B 177 -25.09 1.60 -6.73
C SER B 177 -25.72 2.96 -7.00
N VAL B 178 -26.05 3.70 -5.95
CA VAL B 178 -26.66 5.02 -6.13
C VAL B 178 -25.68 5.97 -6.82
N LEU B 179 -24.40 5.91 -6.43
CA LEU B 179 -23.40 6.73 -7.09
C LEU B 179 -23.31 6.40 -8.58
N SER B 180 -23.31 5.11 -8.92
CA SER B 180 -23.28 4.73 -10.31
C SER B 180 -24.49 5.27 -11.06
N LYS B 181 -25.66 5.21 -10.44
CA LYS B 181 -26.86 5.75 -11.08
C LYS B 181 -26.80 7.25 -11.25
N VAL B 182 -26.16 7.97 -10.32
CA VAL B 182 -26.16 9.43 -10.36
C VAL B 182 -25.41 9.93 -11.59
N SER B 183 -24.20 9.41 -11.81
CA SER B 183 -23.35 9.87 -12.90
C SER B 183 -22.61 8.70 -13.51
N ALA B 184 -22.40 8.75 -14.82
CA ALA B 184 -21.67 7.69 -15.52
C ALA B 184 -20.21 7.63 -15.14
N VAL B 185 -19.67 8.68 -14.51
CA VAL B 185 -18.28 8.66 -14.09
C VAL B 185 -18.04 7.66 -12.96
N TYR B 186 -19.09 7.31 -12.22
CA TYR B 186 -18.97 6.39 -11.08
C TYR B 186 -19.31 4.95 -11.45
N THR B 187 -19.06 4.56 -12.70
CA THR B 187 -19.26 3.17 -13.09
C THR B 187 -18.25 2.27 -12.39
N ALA B 188 -18.65 1.02 -12.17
CA ALA B 188 -17.77 0.07 -11.51
C ALA B 188 -16.50 -0.17 -12.32
N THR B 189 -16.64 -0.30 -13.64
CA THR B 189 -15.50 -0.57 -14.52
C THR B 189 -14.98 0.75 -15.06
N ALA B 190 -14.11 1.39 -14.27
CA ALA B 190 -13.48 2.65 -14.68
C ALA B 190 -12.23 2.85 -13.86
N SER B 191 -11.07 2.84 -14.50
CA SER B 191 -9.80 3.01 -13.81
C SER B 191 -9.56 4.48 -13.49
N ALA B 192 -8.50 4.74 -12.72
CA ALA B 192 -8.17 6.11 -12.35
C ALA B 192 -7.91 6.97 -13.58
N GLU B 193 -7.21 6.42 -14.58
CA GLU B 193 -6.96 7.17 -15.81
C GLU B 193 -8.27 7.47 -16.53
N GLN B 194 -9.19 6.50 -16.58
CA GLN B 194 -10.47 6.75 -17.24
C GLN B 194 -11.27 7.83 -16.53
N ARG B 195 -11.27 7.80 -15.20
CA ARG B 195 -11.99 8.82 -14.44
C ARG B 195 -11.37 10.20 -14.64
N ALA B 196 -10.03 10.27 -14.69
CA ALA B 196 -9.37 11.53 -14.99
C ALA B 196 -9.72 12.02 -16.39
N MET B 197 -9.80 11.10 -17.35
CA MET B 197 -10.16 11.48 -18.72
C MET B 197 -11.57 12.03 -18.77
N MET B 198 -12.50 11.37 -18.07
CA MET B 198 -13.87 11.86 -18.04
C MET B 198 -13.95 13.23 -17.36
N ALA B 199 -13.16 13.43 -16.31
CA ALA B 199 -13.12 14.75 -15.68
C ALA B 199 -12.59 15.80 -16.64
N ALA B 200 -11.57 15.45 -17.42
CA ALA B 200 -11.05 16.38 -18.42
C ALA B 200 -12.13 16.74 -19.44
N GLN B 201 -12.91 15.74 -19.88
CA GLN B 201 -14.00 16.02 -20.80
C GLN B 201 -15.05 16.92 -20.15
N VAL B 202 -15.30 16.74 -18.86
CA VAL B 202 -16.37 17.48 -18.21
C VAL B 202 -16.01 18.96 -18.05
N VAL B 203 -14.74 19.25 -17.72
CA VAL B 203 -14.34 20.60 -17.32
C VAL B 203 -13.68 21.38 -18.45
N GLU B 204 -13.68 20.84 -19.67
CA GLU B 204 -12.97 21.52 -20.76
C GLU B 204 -13.63 22.84 -21.11
N SER B 205 -14.96 22.95 -20.92
CA SER B 205 -15.68 24.14 -21.37
C SER B 205 -15.23 25.39 -20.62
N ARG B 206 -15.02 25.29 -19.31
CA ARG B 206 -14.74 26.47 -18.49
C ARG B 206 -13.24 26.74 -18.45
N LYS B 207 -12.88 27.86 -17.83
CA LYS B 207 -11.51 28.37 -17.87
C LYS B 207 -10.65 27.82 -16.75
N HIS B 208 -11.03 28.07 -15.49
CA HIS B 208 -10.24 27.69 -14.35
C HIS B 208 -10.69 26.33 -13.81
N VAL B 209 -9.72 25.54 -13.36
CA VAL B 209 -9.98 24.23 -12.76
C VAL B 209 -9.53 24.28 -11.31
N LEU B 210 -10.43 23.94 -10.40
CA LEU B 210 -10.12 23.82 -8.99
C LEU B 210 -9.87 22.35 -8.68
N ASN B 211 -8.63 22.04 -8.31
CA ASN B 211 -8.22 20.70 -7.88
C ASN B 211 -8.17 20.73 -6.36
N GLY B 212 -9.12 20.07 -5.71
CA GLY B 212 -9.31 20.20 -4.28
C GLY B 212 -9.14 18.88 -3.56
N ASP B 213 -8.51 18.95 -2.38
CA ASP B 213 -8.51 17.90 -1.39
C ASP B 213 -9.18 18.44 -0.14
N CYS B 214 -9.73 17.55 0.67
CA CYS B 214 -10.34 17.93 1.92
C CYS B 214 -9.39 17.63 3.07
N THR B 215 -9.51 18.42 4.13
CA THR B 215 -8.68 18.28 5.31
C THR B 215 -9.49 17.55 6.38
N LYS B 216 -8.88 16.52 6.98
CA LYS B 216 -9.51 15.75 8.05
C LYS B 216 -10.88 15.24 7.59
N TYR B 217 -10.86 14.50 6.48
CA TYR B 217 -12.11 14.09 5.85
C TYR B 217 -12.94 13.20 6.77
N ASN B 218 -12.33 12.14 7.31
CA ASN B 218 -13.10 11.17 8.07
C ASN B 218 -13.60 11.75 9.38
N GLU B 219 -12.84 12.67 9.99
CA GLU B 219 -13.22 13.20 11.28
C GLU B 219 -14.34 14.22 11.17
N ALA B 220 -14.63 14.73 9.97
CA ALA B 220 -15.71 15.69 9.77
C ALA B 220 -16.98 15.04 9.21
N ILE B 221 -16.99 13.73 9.03
CA ILE B 221 -18.17 13.02 8.56
C ILE B 221 -18.87 12.47 9.80
N ASP B 222 -19.94 13.13 10.21
CA ASP B 222 -20.63 12.78 11.44
C ASP B 222 -21.63 11.64 11.20
N ALA B 223 -22.01 10.98 12.29
CA ALA B 223 -23.06 9.97 12.20
C ALA B 223 -24.36 10.56 11.68
N ASP B 224 -24.62 11.84 11.97
CA ASP B 224 -25.82 12.48 11.46
C ASP B 224 -25.80 12.57 9.94
N THR B 225 -24.64 12.90 9.35
CA THR B 225 -24.54 12.96 7.90
C THR B 225 -24.76 11.59 7.28
N LEU B 226 -24.16 10.55 7.85
CA LEU B 226 -24.34 9.20 7.35
C LEU B 226 -25.80 8.79 7.43
N LEU B 227 -26.46 9.09 8.54
CA LEU B 227 -27.88 8.76 8.68
C LEU B 227 -28.72 9.54 7.68
N LYS B 228 -28.39 10.80 7.45
CA LYS B 228 -29.12 11.60 6.47
C LYS B 228 -29.02 10.96 5.09
N VAL B 229 -27.80 10.60 4.68
CA VAL B 229 -27.64 9.98 3.36
C VAL B 229 -28.37 8.64 3.28
N TRP B 230 -28.24 7.83 4.33
CA TRP B 230 -28.84 6.50 4.31
C TRP B 230 -30.35 6.56 4.29
N ASP B 231 -30.95 7.53 5.00
CA ASP B 231 -32.38 7.75 4.91
C ASP B 231 -32.78 8.29 3.55
N ALA B 232 -31.91 9.12 2.94
CA ALA B 232 -32.21 9.62 1.61
C ALA B 232 -32.28 8.50 0.59
N ILE B 233 -31.36 7.52 0.68
CA ILE B 233 -31.39 6.39 -0.24
C ILE B 233 -32.22 5.23 0.28
N GLY B 234 -32.72 5.32 1.52
CA GLY B 234 -33.65 4.33 2.03
C GLY B 234 -33.00 3.06 2.55
N MET B 235 -32.10 3.18 3.53
CA MET B 235 -31.51 2.03 4.18
C MET B 235 -32.28 1.59 5.43
N GLY B 236 -33.14 2.45 5.96
CA GLY B 236 -34.00 2.04 7.07
C GLY B 236 -33.22 1.63 8.30
N SER B 237 -33.65 0.50 8.88
CA SER B 237 -33.13 0.09 10.18
C SER B 237 -31.64 -0.25 10.12
N ILE B 238 -31.15 -0.74 8.98
CA ILE B 238 -29.73 -1.02 8.86
C ILE B 238 -28.93 0.28 9.00
N GLY B 239 -29.36 1.32 8.29
CA GLY B 239 -28.70 2.61 8.43
C GLY B 239 -28.83 3.18 9.83
N VAL B 240 -29.99 3.01 10.45
CA VAL B 240 -30.19 3.52 11.81
C VAL B 240 -29.22 2.82 12.76
N MET B 241 -29.10 1.50 12.65
CA MET B 241 -28.20 0.76 13.52
C MET B 241 -26.75 1.16 13.30
N LEU B 242 -26.36 1.33 12.03
CA LEU B 242 -24.99 1.74 11.74
C LEU B 242 -24.69 3.12 12.32
N ALA B 243 -25.63 4.07 12.17
CA ALA B 243 -25.43 5.39 12.73
C ALA B 243 -25.36 5.34 14.25
N TYR B 244 -26.20 4.52 14.88
CA TYR B 244 -26.17 4.37 16.33
C TYR B 244 -24.82 3.84 16.79
N MET B 245 -24.29 2.82 16.11
CA MET B 245 -23.00 2.28 16.49
C MET B 245 -21.87 3.29 16.26
N VAL B 246 -21.95 4.04 15.16
CA VAL B 246 -20.91 5.03 14.87
C VAL B 246 -20.90 6.12 15.93
N ARG B 247 -22.08 6.57 16.36
CA ARG B 247 -22.16 7.62 17.36
C ARG B 247 -21.54 7.18 18.68
N ARG B 248 -21.71 5.91 19.04
CA ARG B 248 -21.28 5.38 20.33
C ARG B 248 -19.96 4.61 20.24
N LYS B 249 -19.23 4.75 19.14
CA LYS B 249 -18.03 3.95 18.93
C LYS B 249 -16.96 4.30 19.97
N CYS B 250 -16.17 3.28 20.33
CA CYS B 250 -15.06 3.44 21.26
C CYS B 250 -13.83 2.75 20.67
N VAL B 251 -12.67 3.38 20.83
CA VAL B 251 -11.41 2.90 20.26
C VAL B 251 -10.52 2.42 21.39
N LEU B 252 -9.97 1.23 21.23
CA LEU B 252 -8.98 0.71 22.18
C LEU B 252 -7.61 1.26 21.82
N ILE B 253 -7.08 2.12 22.70
CA ILE B 253 -5.73 2.66 22.54
C ILE B 253 -4.88 2.02 23.63
N LYS B 254 -3.88 1.23 23.22
CA LYS B 254 -3.06 0.47 24.14
C LYS B 254 -3.95 -0.43 24.99
N ASP B 255 -4.34 0.01 26.19
CA ASP B 255 -5.15 -0.80 27.08
C ASP B 255 -6.35 -0.03 27.63
N THR B 256 -6.70 1.10 27.03
CA THR B 256 -7.79 1.94 27.51
C THR B 256 -8.78 2.21 26.37
N LEU B 257 -10.06 2.14 26.70
CA LEU B 257 -11.12 2.47 25.74
C LEU B 257 -11.40 3.96 25.81
N VAL B 258 -11.36 4.61 24.64
CA VAL B 258 -11.59 6.05 24.53
C VAL B 258 -12.81 6.27 23.65
N GLU B 259 -13.76 7.05 24.15
CA GLU B 259 -14.96 7.34 23.38
C GLU B 259 -14.65 8.33 22.26
N CYS B 260 -15.27 8.11 21.11
CA CYS B 260 -15.04 8.92 19.92
C CYS B 260 -16.38 9.22 19.26
N PRO B 261 -17.16 10.15 19.83
CA PRO B 261 -18.49 10.43 19.25
C PRO B 261 -18.45 10.93 17.82
N GLY B 262 -17.45 11.71 17.44
CA GLY B 262 -17.40 12.32 16.13
C GLY B 262 -16.54 11.56 15.13
N GLY B 263 -16.86 11.75 13.85
CA GLY B 263 -16.10 11.14 12.78
C GLY B 263 -16.58 9.75 12.41
N MET B 264 -15.91 9.18 11.41
CA MET B 264 -16.24 7.85 10.91
C MET B 264 -15.03 6.92 10.87
N LEU B 265 -13.90 7.31 11.45
CA LEU B 265 -12.74 6.44 11.64
C LEU B 265 -12.17 5.95 10.31
N MET B 266 -11.64 6.89 9.55
CA MET B 266 -10.69 6.62 8.47
C MET B 266 -11.29 5.69 7.40
N GLY B 267 -12.28 6.22 6.70
CA GLY B 267 -12.77 5.57 5.50
C GLY B 267 -13.67 4.38 5.75
N MET B 268 -14.45 4.40 6.84
CA MET B 268 -15.40 3.31 7.08
C MET B 268 -16.49 3.30 6.01
N PHE B 269 -16.92 4.49 5.55
CA PHE B 269 -17.96 4.61 4.53
C PHE B 269 -17.50 5.65 3.51
N ASN B 270 -16.76 5.19 2.49
CA ASN B 270 -16.28 6.10 1.46
C ASN B 270 -17.40 6.52 0.53
N ALA B 271 -18.23 5.56 0.10
CA ALA B 271 -19.28 5.87 -0.87
C ALA B 271 -20.35 6.76 -0.27
N THR B 272 -20.73 6.51 0.99
CA THR B 272 -21.73 7.36 1.64
C THR B 272 -21.20 8.78 1.80
N ALA B 273 -19.94 8.93 2.20
CA ALA B 273 -19.35 10.27 2.32
C ALA B 273 -19.31 10.97 0.97
N THR B 274 -18.99 10.23 -0.10
CA THR B 274 -19.02 10.82 -1.43
C THR B 274 -20.43 11.26 -1.80
N LEU B 275 -21.43 10.43 -1.50
CA LEU B 275 -22.81 10.80 -1.78
C LEU B 275 -23.23 12.03 -1.01
N ALA B 276 -22.64 12.25 0.17
CA ALA B 276 -22.98 13.44 0.94
C ALA B 276 -22.83 14.70 0.11
N LEU B 277 -21.83 14.74 -0.77
CA LEU B 277 -21.64 15.87 -1.67
C LEU B 277 -22.32 15.65 -3.02
N GLN B 278 -22.18 14.46 -3.60
CA GLN B 278 -22.74 14.21 -4.92
C GLN B 278 -24.25 14.34 -4.92
N GLY B 279 -24.90 14.10 -3.79
CA GLY B 279 -26.34 14.20 -3.70
C GLY B 279 -26.86 15.60 -3.53
N THR B 280 -25.98 16.60 -3.40
CA THR B 280 -26.39 17.99 -3.23
C THR B 280 -26.18 18.85 -4.46
N THR B 281 -25.28 18.45 -5.37
CA THR B 281 -25.00 19.24 -6.55
C THR B 281 -24.46 18.31 -7.64
N ASP B 282 -24.24 18.87 -8.82
CA ASP B 282 -23.73 18.13 -9.96
C ASP B 282 -22.42 18.66 -10.51
N ARG B 283 -22.00 19.87 -10.13
CA ARG B 283 -20.78 20.47 -10.66
C ARG B 283 -19.58 20.13 -9.76
N PHE B 284 -19.39 18.82 -9.56
CA PHE B 284 -18.27 18.30 -8.80
C PHE B 284 -18.00 16.88 -9.27
N LEU B 285 -16.73 16.56 -9.55
CA LEU B 285 -16.32 15.18 -9.78
C LEU B 285 -15.41 14.79 -8.62
N SER B 286 -15.91 13.96 -7.71
CA SER B 286 -15.23 13.68 -6.46
C SER B 286 -15.19 12.19 -6.21
N PHE B 287 -14.12 11.77 -5.52
CA PHE B 287 -13.98 10.39 -5.04
C PHE B 287 -13.40 10.46 -3.64
N SER B 288 -14.11 9.86 -2.68
CA SER B 288 -13.75 10.03 -1.28
C SER B 288 -13.70 11.52 -0.98
N ASP B 289 -12.50 12.12 -0.96
CA ASP B 289 -12.36 13.54 -0.72
C ASP B 289 -11.56 14.28 -1.79
N ASP B 290 -11.00 13.57 -2.77
CA ASP B 290 -10.30 14.20 -3.87
C ASP B 290 -11.32 14.60 -4.92
N PHE B 291 -11.44 15.90 -5.21
CA PHE B 291 -12.45 16.38 -6.13
C PHE B 291 -11.86 17.39 -7.09
N ILE B 292 -12.55 17.53 -8.22
CA ILE B 292 -12.20 18.51 -9.24
C ILE B 292 -13.48 19.20 -9.68
N THR B 293 -13.40 20.51 -9.84
CA THR B 293 -14.51 21.30 -10.38
C THR B 293 -13.94 22.36 -11.31
N SER B 294 -14.83 23.08 -11.98
CA SER B 294 -14.41 24.08 -12.96
C SER B 294 -15.28 25.32 -12.81
N PHE B 295 -14.70 26.47 -13.13
CA PHE B 295 -15.39 27.74 -12.97
C PHE B 295 -14.80 28.78 -13.90
N ASN B 296 -15.55 29.86 -14.08
CA ASN B 296 -15.18 30.97 -14.96
C ASN B 296 -14.91 32.27 -14.23
N SER B 297 -15.71 32.61 -13.22
CA SER B 297 -15.64 33.89 -12.53
C SER B 297 -15.61 33.67 -11.03
N PRO B 298 -15.17 34.68 -10.27
CA PRO B 298 -15.10 34.51 -8.80
C PRO B 298 -16.44 34.19 -8.16
N ALA B 299 -17.55 34.63 -8.74
CA ALA B 299 -18.85 34.29 -8.18
C ALA B 299 -19.09 32.79 -8.23
N GLU B 300 -18.72 32.16 -9.33
CA GLU B 300 -18.81 30.70 -9.42
C GLU B 300 -17.90 30.03 -8.39
N LEU B 301 -16.73 30.62 -8.15
CA LEU B 301 -15.83 30.06 -7.14
C LEU B 301 -16.44 30.16 -5.75
N ARG B 302 -17.09 31.28 -5.44
CA ARG B 302 -17.76 31.40 -4.15
C ARG B 302 -18.92 30.41 -4.02
N GLU B 303 -19.66 30.20 -5.12
CA GLU B 303 -20.70 29.18 -5.09
C GLU B 303 -20.12 27.80 -4.83
N ILE B 304 -18.98 27.49 -5.46
CA ILE B 304 -18.31 26.22 -5.24
C ILE B 304 -17.91 26.08 -3.77
N GLU B 305 -17.35 27.14 -3.19
CA GLU B 305 -16.93 27.09 -1.80
C GLU B 305 -18.14 26.87 -0.89
N ASP B 306 -19.24 27.55 -1.15
CA ASP B 306 -20.44 27.36 -0.33
C ASP B 306 -20.96 25.93 -0.47
N LEU B 307 -20.96 25.39 -1.68
CA LEU B 307 -21.42 24.01 -1.87
C LEU B 307 -20.54 23.04 -1.10
N LEU B 308 -19.22 23.23 -1.15
CA LEU B 308 -18.32 22.37 -0.40
C LEU B 308 -18.57 22.48 1.10
N PHE B 309 -18.75 23.70 1.61
CA PHE B 309 -18.96 23.88 3.03
C PHE B 309 -20.27 23.24 3.49
N ALA B 310 -21.34 23.38 2.70
CA ALA B 310 -22.64 22.88 3.11
C ALA B 310 -22.67 21.35 3.18
N SER B 311 -21.78 20.66 2.49
CA SER B 311 -21.76 19.20 2.44
C SER B 311 -20.71 18.61 3.37
N CYS B 312 -20.13 19.39 4.27
CA CYS B 312 -19.11 18.93 5.20
C CYS B 312 -17.86 18.45 4.48
N HIS B 313 -17.58 19.03 3.33
CA HIS B 313 -16.34 18.77 2.58
C HIS B 313 -15.44 19.99 2.79
N ASN B 314 -14.69 19.98 3.88
CA ASN B 314 -13.85 21.11 4.24
C ASN B 314 -12.63 21.16 3.32
N LEU B 315 -12.57 22.19 2.48
CA LEU B 315 -11.47 22.32 1.54
C LEU B 315 -10.15 22.43 2.28
N SER B 316 -9.16 21.67 1.82
CA SER B 316 -7.82 21.72 2.39
C SER B 316 -7.07 22.89 1.77
N LEU B 317 -6.77 23.91 2.58
CA LEU B 317 -6.06 25.08 2.09
C LEU B 317 -4.59 24.81 1.84
N LYS B 318 -4.06 23.68 2.30
CA LYS B 318 -2.65 23.37 2.14
C LYS B 318 -2.34 22.63 0.84
N LYS B 319 -3.35 22.05 0.19
CA LYS B 319 -3.12 21.24 -1.00
C LYS B 319 -3.94 21.68 -2.19
N SER B 320 -5.17 22.16 -1.95
CA SER B 320 -6.05 22.56 -3.03
C SER B 320 -5.45 23.72 -3.80
N TYR B 321 -5.63 23.72 -5.12
CA TYR B 321 -5.07 24.78 -5.94
C TYR B 321 -5.85 24.91 -7.24
N ILE B 322 -5.66 26.06 -7.90
CA ILE B 322 -6.34 26.39 -9.14
C ILE B 322 -5.33 26.30 -10.28
N SER B 323 -5.72 25.65 -11.37
CA SER B 323 -4.89 25.51 -12.55
C SER B 323 -5.68 25.96 -13.78
N VAL B 324 -4.96 26.17 -14.88
CA VAL B 324 -5.57 26.58 -16.13
C VAL B 324 -5.17 25.63 -17.25
N ALA B 325 -4.02 24.96 -17.10
CA ALA B 325 -3.47 24.12 -18.15
C ALA B 325 -3.29 22.66 -17.74
N SER B 326 -3.59 22.31 -16.49
CA SER B 326 -3.40 20.96 -16.00
C SER B 326 -4.66 20.51 -15.26
N LEU B 327 -4.76 19.20 -15.05
CA LEU B 327 -5.94 18.61 -14.44
C LEU B 327 -5.47 17.42 -13.61
N GLU B 328 -5.61 17.51 -12.29
CA GLU B 328 -5.08 16.52 -11.37
C GLU B 328 -6.21 15.86 -10.60
N ILE B 329 -6.29 14.54 -10.67
CA ILE B 329 -7.27 13.78 -9.90
C ILE B 329 -6.78 12.34 -9.78
N ASN B 330 -6.94 11.77 -8.60
CA ASN B 330 -6.49 10.41 -8.31
C ASN B 330 -4.98 10.27 -8.47
N SER B 331 -4.24 11.36 -8.27
CA SER B 331 -2.81 11.45 -8.48
C SER B 331 -2.44 11.48 -9.97
N CYS B 332 -3.41 11.35 -10.87
CA CYS B 332 -3.16 11.37 -12.30
C CYS B 332 -3.28 12.81 -12.81
N THR B 333 -2.28 13.25 -13.58
CA THR B 333 -2.22 14.60 -14.12
C THR B 333 -2.37 14.52 -15.64
N LEU B 334 -3.35 15.23 -16.17
CA LEU B 334 -3.63 15.30 -17.59
C LEU B 334 -3.61 16.75 -18.05
N THR B 335 -3.55 16.93 -19.36
CA THR B 335 -3.77 18.25 -19.93
C THR B 335 -5.25 18.50 -20.14
N ARG B 336 -5.61 19.78 -20.35
CA ARG B 336 -7.01 20.12 -20.51
C ARG B 336 -7.63 19.41 -21.71
N ASP B 337 -6.82 19.02 -22.69
CA ASP B 337 -7.32 18.29 -23.85
C ASP B 337 -7.47 16.80 -23.60
N GLY B 338 -7.07 16.32 -22.43
CA GLY B 338 -7.20 14.91 -22.07
C GLY B 338 -5.93 14.11 -22.16
N ASP B 339 -4.87 14.65 -22.76
CA ASP B 339 -3.62 13.92 -22.88
C ASP B 339 -2.93 13.80 -21.51
N LEU B 340 -2.12 12.76 -21.38
CA LEU B 340 -1.34 12.57 -20.16
C LEU B 340 -0.20 13.58 -20.11
N ALA B 341 -0.07 14.27 -18.99
CA ALA B 341 1.00 15.25 -18.83
C ALA B 341 2.36 14.55 -18.89
N THR B 342 3.28 15.16 -19.62
CA THR B 342 4.60 14.55 -19.81
C THR B 342 5.35 14.48 -18.49
N GLY B 343 6.12 13.41 -18.31
CA GLY B 343 6.93 13.20 -17.14
C GLY B 343 6.69 11.82 -16.55
N LEU B 344 7.45 11.53 -15.49
CA LEU B 344 7.28 10.27 -14.79
C LEU B 344 5.88 10.14 -14.20
N GLY B 345 5.35 11.22 -13.66
CA GLY B 345 4.02 11.21 -13.08
C GLY B 345 3.99 10.50 -11.75
N CYS B 346 3.18 9.45 -11.65
CA CYS B 346 3.03 8.66 -10.44
C CYS B 346 3.80 7.34 -10.50
N THR B 347 4.71 7.20 -11.46
CA THR B 347 5.48 5.96 -11.58
C THR B 347 6.23 5.67 -10.29
N ALA B 348 6.15 4.44 -9.82
CA ALA B 348 6.72 4.03 -8.55
C ALA B 348 7.77 2.95 -8.78
N GLY B 349 8.81 2.96 -7.93
CA GLY B 349 9.84 1.97 -8.01
C GLY B 349 9.41 0.64 -7.40
N VAL B 350 10.18 -0.39 -7.70
CA VAL B 350 9.93 -1.74 -7.23
C VAL B 350 11.03 -2.11 -6.24
N PRO B 351 10.73 -2.25 -4.95
CA PRO B 351 11.77 -2.64 -3.99
C PRO B 351 12.13 -4.11 -4.12
N PHE B 352 13.33 -4.44 -3.64
CA PHE B 352 13.80 -5.82 -3.63
C PHE B 352 13.02 -6.61 -2.59
N ARG B 353 12.11 -7.49 -3.04
CA ARG B 353 11.31 -8.29 -2.14
C ARG B 353 11.24 -9.74 -2.63
N GLY B 354 12.30 -10.23 -3.26
CA GLY B 354 12.35 -11.57 -3.78
C GLY B 354 13.00 -11.62 -5.15
N PRO B 355 13.81 -12.64 -5.41
CA PRO B 355 14.53 -12.68 -6.70
C PRO B 355 13.61 -12.64 -7.91
N LEU B 356 12.46 -13.33 -7.86
CA LEU B 356 11.58 -13.45 -9.01
C LEU B 356 10.38 -12.52 -8.94
N VAL B 357 9.79 -12.32 -7.76
CA VAL B 357 8.65 -11.42 -7.65
C VAL B 357 9.07 -9.99 -7.98
N THR B 358 10.30 -9.61 -7.62
CA THR B 358 10.78 -8.28 -7.96
C THR B 358 10.83 -8.08 -9.47
N LEU B 359 11.32 -9.09 -10.20
CA LEU B 359 11.36 -8.99 -11.66
C LEU B 359 9.97 -8.91 -12.26
N LYS B 360 9.03 -9.69 -11.73
CA LYS B 360 7.65 -9.64 -12.24
C LYS B 360 7.04 -8.26 -12.01
N GLN B 361 7.24 -7.70 -10.81
CA GLN B 361 6.69 -6.37 -10.52
C GLN B 361 7.35 -5.31 -11.39
N THR B 362 8.67 -5.41 -11.62
CA THR B 362 9.34 -4.47 -12.50
C THR B 362 8.80 -4.57 -13.92
N ALA B 363 8.56 -5.79 -14.40
CA ALA B 363 8.00 -5.96 -15.73
C ALA B 363 6.61 -5.35 -15.82
N ALA B 364 5.79 -5.54 -14.80
CA ALA B 364 4.45 -4.94 -14.80
C ALA B 364 4.55 -3.42 -14.82
N MET B 365 5.43 -2.85 -14.00
CA MET B 365 5.57 -1.39 -13.96
C MET B 365 6.05 -0.86 -15.30
N LEU B 366 7.03 -1.52 -15.92
CA LEU B 366 7.55 -1.05 -17.19
C LEU B 366 6.51 -1.20 -18.30
N SER B 367 5.71 -2.28 -18.28
CA SER B 367 4.64 -2.42 -19.25
C SER B 367 3.63 -1.27 -19.11
N GLY B 368 3.23 -0.98 -17.88
CA GLY B 368 2.32 0.13 -17.66
C GLY B 368 2.91 1.46 -18.13
N ALA B 369 4.20 1.67 -17.88
CA ALA B 369 4.84 2.93 -18.27
C ALA B 369 4.91 3.07 -19.79
N VAL B 370 5.33 2.01 -20.49
CA VAL B 370 5.51 2.09 -21.93
C VAL B 370 4.17 2.19 -22.63
N ASP B 371 3.16 1.44 -22.16
CA ASP B 371 1.88 1.44 -22.83
C ASP B 371 1.24 2.83 -22.81
N SER B 372 1.41 3.56 -21.70
CA SER B 372 0.83 4.89 -21.56
C SER B 372 1.72 6.00 -22.13
N GLY B 373 2.87 5.65 -22.69
CA GLY B 373 3.73 6.64 -23.30
C GLY B 373 4.63 7.39 -22.34
N VAL B 374 4.78 6.92 -21.10
CA VAL B 374 5.63 7.61 -20.14
C VAL B 374 7.07 7.62 -20.62
N MET B 375 7.55 6.50 -21.13
CA MET B 375 8.91 6.36 -21.63
C MET B 375 8.91 5.50 -22.87
N PRO B 376 9.92 5.64 -23.73
CA PRO B 376 10.01 4.77 -24.91
C PRO B 376 10.37 3.34 -24.53
N PHE B 377 10.15 2.44 -25.48
CA PHE B 377 10.32 1.01 -25.20
C PHE B 377 11.78 0.65 -24.94
N HIS B 378 12.71 1.25 -25.68
CA HIS B 378 14.12 0.92 -25.48
C HIS B 378 14.60 1.34 -24.10
N SER B 379 14.08 2.44 -23.57
CA SER B 379 14.39 2.81 -22.19
C SER B 379 13.91 1.74 -21.22
N ALA B 380 12.72 1.20 -21.46
CA ALA B 380 12.20 0.13 -20.61
C ALA B 380 13.07 -1.11 -20.71
N GLU B 381 13.54 -1.45 -21.92
CA GLU B 381 14.43 -2.59 -22.08
C GLU B 381 15.71 -2.40 -21.28
N ARG B 382 16.31 -1.21 -21.39
CA ARG B 382 17.53 -0.93 -20.64
C ARG B 382 17.29 -1.03 -19.14
N LEU B 383 16.16 -0.47 -18.67
CA LEU B 383 15.86 -0.51 -17.24
C LEU B 383 15.64 -1.94 -16.77
N PHE B 384 14.99 -2.77 -17.59
CA PHE B 384 14.78 -4.16 -17.20
C PHE B 384 16.11 -4.91 -17.12
N GLN B 385 17.01 -4.65 -18.06
CA GLN B 385 18.34 -5.26 -17.98
C GLN B 385 19.07 -4.81 -16.70
N ILE B 386 18.99 -3.52 -16.38
CA ILE B 386 19.65 -3.02 -15.18
C ILE B 386 19.06 -3.67 -13.93
N LYS B 387 17.74 -3.82 -13.90
CA LYS B 387 17.08 -4.45 -12.75
C LYS B 387 17.51 -5.91 -12.62
N GLN B 388 17.64 -6.61 -13.75
CA GLN B 388 18.12 -7.98 -13.70
C GLN B 388 19.53 -8.04 -13.13
N GLN B 389 20.40 -7.10 -13.55
CA GLN B 389 21.75 -7.07 -13.00
C GLN B 389 21.74 -6.81 -11.50
N GLU B 390 20.90 -5.88 -11.05
CA GLU B 390 20.85 -5.57 -9.62
C GLU B 390 20.31 -6.75 -8.83
N CYS B 391 19.30 -7.44 -9.36
CA CYS B 391 18.79 -8.64 -8.71
C CYS B 391 19.86 -9.72 -8.62
N ALA B 392 20.67 -9.86 -9.68
CA ALA B 392 21.77 -10.80 -9.64
C ALA B 392 22.76 -10.43 -8.55
N TYR B 393 23.06 -9.14 -8.42
CA TYR B 393 23.94 -8.69 -7.34
C TYR B 393 23.37 -9.04 -5.97
N ARG B 394 22.06 -8.85 -5.79
CA ARG B 394 21.45 -9.04 -4.47
C ARG B 394 21.28 -10.51 -4.09
N TYR B 395 20.91 -11.37 -5.05
CA TYR B 395 20.39 -12.69 -4.72
C TYR B 395 21.25 -13.86 -5.18
N ASN B 396 22.26 -13.65 -6.04
CA ASN B 396 23.03 -14.76 -6.59
C ASN B 396 24.08 -15.20 -5.58
N ASN B 397 23.61 -15.93 -4.57
CA ASN B 397 24.45 -16.44 -3.50
C ASN B 397 23.86 -17.75 -3.00
N PRO B 398 24.64 -18.53 -2.24
CA PRO B 398 24.13 -19.85 -1.80
C PRO B 398 22.89 -19.78 -0.93
N THR B 399 22.63 -18.63 -0.29
CA THR B 399 21.46 -18.54 0.58
C THR B 399 20.16 -18.75 -0.20
N TYR B 400 20.14 -18.37 -1.48
CA TYR B 400 18.91 -18.42 -2.26
C TYR B 400 18.90 -19.49 -3.34
N THR B 401 20.06 -19.94 -3.82
CA THR B 401 20.10 -20.87 -4.94
C THR B 401 21.35 -21.74 -4.85
N THR B 402 21.21 -22.97 -5.34
CA THR B 402 22.33 -23.89 -5.54
C THR B 402 22.40 -24.40 -6.97
N ARG B 403 21.69 -23.74 -7.88
CA ARG B 403 21.55 -24.19 -9.26
C ARG B 403 22.47 -23.40 -10.18
N ASN B 404 22.81 -24.01 -11.32
CA ASN B 404 23.62 -23.36 -12.33
C ASN B 404 23.11 -23.66 -13.73
N GLU B 405 21.82 -23.92 -13.87
CA GLU B 405 21.25 -24.15 -15.19
C GLU B 405 21.37 -22.90 -16.05
N ASP B 406 21.64 -23.10 -17.34
CA ASP B 406 21.86 -21.98 -18.24
C ASP B 406 20.61 -21.11 -18.37
N PHE B 407 19.44 -21.74 -18.48
CA PHE B 407 18.21 -20.99 -18.70
C PHE B 407 17.79 -20.16 -17.49
N LEU B 408 18.36 -20.41 -16.32
CA LEU B 408 17.96 -19.68 -15.14
C LEU B 408 18.41 -18.22 -15.22
N PRO B 409 17.72 -17.31 -14.55
CA PRO B 409 18.21 -15.93 -14.46
C PRO B 409 19.54 -15.88 -13.72
N THR B 410 20.35 -14.87 -14.05
CA THR B 410 21.65 -14.72 -13.39
C THR B 410 21.49 -14.59 -11.88
N CYS B 411 20.34 -14.12 -11.41
CA CYS B 411 20.09 -14.00 -9.98
C CYS B 411 19.80 -15.33 -9.32
N LEU B 412 19.58 -16.40 -10.08
CA LEU B 412 19.37 -17.73 -9.53
C LEU B 412 20.49 -18.68 -9.94
N GLY B 413 21.62 -18.15 -10.40
CA GLY B 413 22.77 -18.96 -10.75
C GLY B 413 22.93 -19.27 -12.22
N GLY B 414 22.01 -18.82 -13.08
CA GLY B 414 22.09 -19.06 -14.50
C GLY B 414 22.91 -18.00 -15.21
N LYS B 415 22.81 -18.02 -16.54
CA LYS B 415 23.53 -17.06 -17.38
C LYS B 415 22.60 -16.38 -18.38
N THR B 416 21.30 -16.34 -18.10
CA THR B 416 20.31 -15.80 -19.02
C THR B 416 19.84 -14.44 -18.52
N VAL B 417 19.92 -13.44 -19.39
CA VAL B 417 19.37 -12.11 -19.14
C VAL B 417 18.46 -11.80 -20.33
N ILE B 418 17.19 -12.15 -20.21
CA ILE B 418 16.27 -12.01 -21.33
C ILE B 418 15.93 -10.53 -21.53
N SER B 419 15.53 -10.21 -22.76
CA SER B 419 15.08 -8.86 -23.08
C SER B 419 13.62 -8.69 -22.68
N PHE B 420 13.25 -7.44 -22.42
CA PHE B 420 11.86 -7.14 -22.07
C PHE B 420 10.91 -7.55 -23.19
N GLN B 421 11.30 -7.28 -24.44
CA GLN B 421 10.48 -7.70 -25.57
C GLN B 421 10.34 -9.21 -25.64
N SER B 422 11.44 -9.94 -25.38
CA SER B 422 11.38 -11.39 -25.41
C SER B 422 10.44 -11.93 -24.35
N LEU B 423 10.48 -11.35 -23.15
CA LEU B 423 9.59 -11.79 -22.09
C LEU B 423 8.14 -11.49 -22.42
N LEU B 424 7.87 -10.26 -22.88
CA LEU B 424 6.48 -9.86 -23.12
C LEU B 424 5.86 -10.63 -24.29
N THR B 425 6.66 -11.13 -25.22
CA THR B 425 6.14 -11.90 -26.34
C THR B 425 6.15 -13.41 -26.07
N TRP B 426 6.51 -13.82 -24.86
CA TRP B 426 6.57 -15.23 -24.48
C TRP B 426 7.62 -16.01 -25.24
N ASP B 427 8.57 -15.32 -25.87
CA ASP B 427 9.67 -15.98 -26.58
C ASP B 427 10.81 -16.22 -25.60
N CYS B 428 10.56 -17.16 -24.68
CA CYS B 428 11.48 -17.40 -23.57
C CYS B 428 11.30 -18.82 -23.07
N HIS B 429 12.24 -19.26 -22.26
CA HIS B 429 12.13 -20.56 -21.62
C HIS B 429 10.91 -20.57 -20.70
N PRO B 430 10.21 -21.70 -20.57
CA PRO B 430 8.99 -21.70 -19.73
C PRO B 430 9.24 -21.25 -18.29
N PHE B 431 10.46 -21.43 -17.78
CA PHE B 431 10.76 -20.96 -16.43
C PHE B 431 10.50 -19.46 -16.31
N TRP B 432 10.62 -18.71 -17.41
CA TRP B 432 10.40 -17.28 -17.38
C TRP B 432 8.93 -16.90 -17.48
N TYR B 433 8.03 -17.86 -17.72
CA TYR B 433 6.61 -17.53 -17.82
C TYR B 433 6.11 -16.87 -16.54
N GLN B 434 6.58 -17.34 -15.38
CA GLN B 434 6.16 -16.75 -14.12
C GLN B 434 6.62 -15.31 -13.98
N VAL B 435 7.64 -14.89 -14.71
CA VAL B 435 8.08 -13.49 -14.65
C VAL B 435 7.19 -12.59 -15.50
N HIS B 436 6.44 -13.15 -16.43
CA HIS B 436 5.49 -12.36 -17.20
C HIS B 436 4.43 -11.80 -16.26
N PRO B 437 4.03 -10.53 -16.40
CA PRO B 437 2.99 -9.99 -15.51
C PRO B 437 1.71 -10.79 -15.53
N ASP B 438 1.32 -11.33 -16.68
CA ASP B 438 0.12 -12.16 -16.80
C ASP B 438 0.39 -13.62 -16.53
N GLY B 439 1.63 -14.01 -16.26
CA GLY B 439 1.96 -15.39 -16.01
C GLY B 439 1.61 -15.82 -14.61
N PRO B 440 1.89 -17.09 -14.31
CA PRO B 440 1.55 -17.63 -12.99
C PRO B 440 2.39 -17.00 -11.89
N ASP B 441 1.94 -17.21 -10.65
CA ASP B 441 2.67 -16.68 -9.51
C ASP B 441 4.05 -17.30 -9.42
N THR B 442 5.02 -16.51 -8.96
CA THR B 442 6.40 -16.96 -8.89
C THR B 442 6.58 -17.91 -7.70
N ILE B 443 7.75 -18.57 -7.67
CA ILE B 443 8.05 -19.52 -6.61
C ILE B 443 8.03 -18.83 -5.25
N ASP B 444 8.69 -17.67 -5.16
CA ASP B 444 8.74 -16.95 -3.89
C ASP B 444 7.35 -16.51 -3.44
N GLN B 445 6.49 -16.12 -4.40
CA GLN B 445 5.14 -15.71 -4.04
C GLN B 445 4.38 -16.87 -3.38
N LYS B 446 4.47 -18.07 -3.96
CA LYS B 446 3.79 -19.22 -3.37
C LYS B 446 4.38 -19.59 -2.02
N VAL B 447 5.71 -19.54 -1.89
CA VAL B 447 6.34 -19.84 -0.61
C VAL B 447 5.84 -18.88 0.47
N LEU B 448 5.83 -17.59 0.15
CA LEU B 448 5.37 -16.60 1.11
C LEU B 448 3.89 -16.78 1.43
N SER B 449 3.08 -17.12 0.43
CA SER B 449 1.65 -17.33 0.69
C SER B 449 1.43 -18.48 1.65
N VAL B 450 2.14 -19.60 1.44
CA VAL B 450 1.98 -20.74 2.34
C VAL B 450 2.45 -20.38 3.75
N LEU B 451 3.63 -19.77 3.84
CA LEU B 451 4.14 -19.39 5.16
C LEU B 451 3.18 -18.46 5.87
N ALA B 452 2.58 -17.52 5.14
CA ALA B 452 1.58 -16.64 5.74
C ALA B 452 0.36 -17.42 6.21
N SER B 453 -0.06 -18.41 5.41
CA SER B 453 -1.16 -19.27 5.83
C SER B 453 -0.84 -20.03 7.11
N LYS B 454 0.45 -20.21 7.42
CA LYS B 454 0.84 -20.91 8.64
C LYS B 454 1.11 -19.98 9.82
N THR B 455 0.68 -18.73 9.76
CA THR B 455 0.94 -17.80 10.87
C THR B 455 -0.01 -18.07 12.03
N ARG B 456 0.31 -17.44 13.17
CA ARG B 456 -0.46 -17.68 14.40
C ARG B 456 -1.91 -17.25 14.24
N ARG B 457 -2.15 -16.08 13.64
CA ARG B 457 -3.50 -15.56 13.50
C ARG B 457 -4.31 -16.31 12.45
N ARG B 458 -3.66 -17.11 11.60
CA ARG B 458 -4.34 -17.80 10.52
C ARG B 458 -4.20 -19.32 10.56
N ARG B 459 -3.34 -19.87 11.41
CA ARG B 459 -3.16 -21.31 11.46
C ARG B 459 -4.42 -22.00 11.97
N THR B 460 -4.74 -23.14 11.37
CA THR B 460 -5.87 -23.94 11.79
C THR B 460 -5.56 -25.41 11.51
N ARG B 461 -6.15 -26.29 12.32
CA ARG B 461 -6.02 -27.72 12.15
C ARG B 461 -7.11 -28.31 11.26
N LEU B 462 -7.98 -27.47 10.72
CA LEU B 462 -9.06 -27.95 9.87
C LEU B 462 -8.51 -28.62 8.62
N GLU B 463 -9.29 -29.54 8.06
CA GLU B 463 -8.91 -30.23 6.83
C GLU B 463 -9.33 -29.37 5.64
N ALA B 464 -8.38 -29.08 4.76
CA ALA B 464 -8.63 -28.16 3.67
C ALA B 464 -9.58 -28.77 2.65
N LEU B 465 -10.60 -28.00 2.26
CA LEU B 465 -11.51 -28.41 1.20
C LEU B 465 -11.08 -27.73 -0.11
N SER B 466 -9.91 -28.13 -0.58
CA SER B 466 -9.30 -27.55 -1.78
C SER B 466 -9.56 -28.44 -2.99
N ASP B 467 -9.21 -27.90 -4.16
CA ASP B 467 -9.36 -28.60 -5.43
C ASP B 467 -10.80 -29.10 -5.58
N LEU B 468 -11.73 -28.16 -5.51
CA LEU B 468 -13.15 -28.48 -5.54
C LEU B 468 -13.68 -28.53 -6.96
N ASP B 469 -14.72 -29.34 -7.15
CA ASP B 469 -15.36 -29.45 -8.46
C ASP B 469 -15.91 -28.09 -8.88
N PRO B 470 -15.84 -27.72 -10.16
CA PRO B 470 -16.33 -26.41 -10.58
C PRO B 470 -17.82 -26.35 -10.90
N LEU B 471 -18.59 -27.34 -10.46
CA LEU B 471 -20.04 -27.30 -10.55
C LEU B 471 -20.74 -27.19 -9.20
N VAL B 472 -20.03 -27.45 -8.11
CA VAL B 472 -20.61 -27.40 -6.77
C VAL B 472 -20.68 -25.94 -6.33
N PRO B 473 -21.86 -25.37 -6.09
CA PRO B 473 -21.92 -23.98 -5.63
C PRO B 473 -21.35 -23.83 -4.23
N HIS B 474 -20.74 -22.68 -3.98
CA HIS B 474 -20.13 -22.40 -2.68
C HIS B 474 -21.16 -22.07 -1.61
N ARG B 475 -22.36 -21.64 -2.00
CA ARG B 475 -23.41 -21.39 -1.02
C ARG B 475 -23.98 -22.69 -0.44
N LEU B 476 -23.61 -23.83 -1.01
CA LEU B 476 -24.09 -25.12 -0.51
C LEU B 476 -23.50 -25.40 0.87
N LEU B 477 -24.31 -25.97 1.75
CA LEU B 477 -23.89 -26.32 3.10
C LEU B 477 -23.25 -27.71 3.09
N VAL B 478 -22.37 -27.94 4.06
CA VAL B 478 -21.63 -29.20 4.17
C VAL B 478 -21.34 -29.48 5.63
N SER B 479 -21.24 -30.78 5.95
CA SER B 479 -20.84 -31.25 7.27
C SER B 479 -19.43 -31.81 7.21
N GLU B 480 -18.94 -32.29 8.34
CA GLU B 480 -17.63 -32.93 8.37
C GLU B 480 -17.61 -34.17 7.49
N SER B 481 -18.68 -34.97 7.54
CA SER B 481 -18.74 -36.17 6.70
C SER B 481 -18.70 -35.79 5.23
N ASP B 482 -19.39 -34.72 4.85
CA ASP B 482 -19.34 -34.27 3.45
C ASP B 482 -17.93 -33.90 3.04
N VAL B 483 -17.22 -33.17 3.90
CA VAL B 483 -15.85 -32.78 3.59
C VAL B 483 -14.98 -34.01 3.41
N SER B 484 -15.13 -34.99 4.31
CA SER B 484 -14.35 -36.22 4.20
C SER B 484 -14.65 -36.93 2.89
N LYS B 485 -15.93 -37.02 2.53
CA LYS B 485 -16.30 -37.71 1.29
C LYS B 485 -15.70 -37.03 0.07
N ILE B 486 -15.84 -35.70 -0.02
CA ILE B 486 -15.30 -35.00 -1.19
C ILE B 486 -13.78 -35.15 -1.25
N ARG B 487 -13.11 -34.97 -0.12
CA ARG B 487 -11.65 -35.08 -0.13
C ARG B 487 -11.21 -36.49 -0.53
N ALA B 488 -11.87 -37.51 0.01
CA ALA B 488 -11.51 -38.89 -0.33
C ALA B 488 -11.73 -39.15 -1.82
N ALA B 489 -12.86 -38.68 -2.35
CA ALA B 489 -13.13 -38.90 -3.78
C ALA B 489 -12.08 -38.22 -4.65
N ARG B 490 -11.72 -36.98 -4.31
CA ARG B 490 -10.71 -36.28 -5.10
C ARG B 490 -9.35 -36.96 -5.00
N GLN B 491 -8.98 -37.43 -3.80
CA GLN B 491 -7.71 -38.12 -3.64
C GLN B 491 -7.69 -39.42 -4.46
N ALA B 492 -8.79 -40.16 -4.43
CA ALA B 492 -8.87 -41.39 -5.24
C ALA B 492 -8.77 -41.08 -6.72
N HIS B 493 -9.44 -40.02 -7.17
CA HIS B 493 -9.34 -39.64 -8.58
C HIS B 493 -7.92 -39.28 -8.95
N LEU B 494 -7.22 -38.51 -8.11
CA LEU B 494 -5.85 -38.16 -8.40
C LEU B 494 -4.96 -39.40 -8.44
N LYS B 495 -5.20 -40.36 -7.54
CA LYS B 495 -4.45 -41.60 -7.56
C LYS B 495 -4.83 -42.49 -8.75
N SER B 496 -5.98 -42.23 -9.37
CA SER B 496 -6.42 -43.00 -10.52
C SER B 496 -5.84 -42.48 -11.83
N LEU B 497 -5.02 -41.42 -11.78
CA LEU B 497 -4.38 -40.89 -12.98
C LEU B 497 -2.89 -40.62 -12.76
N GLY B 498 -2.32 -41.04 -11.64
CA GLY B 498 -0.91 -40.85 -11.38
C GLY B 498 -0.55 -39.44 -11.00
N LEU B 499 -1.11 -38.95 -9.89
CA LEU B 499 -0.79 -37.62 -9.40
C LEU B 499 -0.96 -37.59 -7.89
N GLU B 500 -0.28 -36.63 -7.26
CA GLU B 500 -0.37 -36.41 -5.82
C GLU B 500 -0.76 -34.99 -5.46
N GLN B 501 -0.49 -34.01 -6.32
CA GLN B 501 -0.92 -32.64 -6.15
C GLN B 501 -1.57 -32.15 -7.44
N PRO B 502 -2.55 -31.26 -7.35
CA PRO B 502 -3.17 -30.75 -8.58
C PRO B 502 -2.20 -29.85 -9.34
N THR B 503 -2.33 -29.87 -10.66
CA THR B 503 -1.46 -29.08 -11.51
C THR B 503 -1.93 -27.63 -11.55
N ASN B 504 -0.99 -26.70 -11.34
CA ASN B 504 -1.33 -25.29 -11.39
C ASN B 504 -1.90 -24.95 -12.77
N PHE B 505 -3.00 -24.21 -12.78
CA PHE B 505 -3.72 -23.89 -14.00
C PHE B 505 -3.58 -22.39 -14.27
N ASN B 506 -3.08 -22.05 -15.46
CA ASN B 506 -2.99 -20.68 -15.92
C ASN B 506 -3.89 -20.52 -17.13
N TYR B 507 -4.86 -19.61 -17.04
CA TYR B 507 -5.82 -19.45 -18.12
C TYR B 507 -5.16 -18.90 -19.38
N ALA B 508 -4.23 -17.96 -19.23
CA ALA B 508 -3.58 -17.38 -20.39
C ALA B 508 -2.80 -18.43 -21.18
N ILE B 509 -1.99 -19.23 -20.48
CA ILE B 509 -1.23 -20.27 -21.16
C ILE B 509 -2.17 -21.30 -21.79
N TYR B 510 -3.21 -21.69 -21.06
CA TYR B 510 -4.15 -22.67 -21.59
C TYR B 510 -4.78 -22.17 -22.88
N LYS B 511 -5.24 -20.92 -22.89
CA LYS B 511 -5.85 -20.37 -24.09
C LYS B 511 -4.84 -20.27 -25.23
N ALA B 512 -3.61 -19.85 -24.92
CA ALA B 512 -2.60 -19.72 -25.96
C ALA B 512 -2.29 -21.06 -26.61
N VAL B 513 -2.20 -22.13 -25.81
CA VAL B 513 -1.89 -23.45 -26.34
C VAL B 513 -3.08 -24.13 -27.02
N GLN B 514 -4.28 -23.56 -26.89
CA GLN B 514 -5.44 -24.20 -27.50
C GLN B 514 -5.27 -24.25 -29.02
N PRO B 515 -5.60 -25.37 -29.68
CA PRO B 515 -5.51 -25.43 -31.13
C PRO B 515 -6.29 -24.33 -31.82
N MET C 1 -13.43 -32.52 20.31
CA MET C 1 -13.18 -33.79 19.57
C MET C 1 -12.73 -33.50 18.15
N SER C 2 -13.67 -33.48 17.20
CA SER C 2 -13.34 -33.19 15.82
C SER C 2 -13.05 -31.70 15.66
N GLN C 3 -12.08 -31.38 14.81
CA GLN C 3 -11.75 -29.98 14.56
C GLN C 3 -12.93 -29.22 13.99
N PHE C 4 -13.79 -29.90 13.23
CA PHE C 4 -14.99 -29.25 12.71
C PHE C 4 -15.88 -28.77 13.85
N GLY C 5 -16.00 -29.57 14.91
CA GLY C 5 -16.80 -29.13 16.05
C GLY C 5 -16.20 -27.95 16.77
N LYS C 6 -14.88 -27.97 16.96
CA LYS C 6 -14.23 -26.84 17.63
C LYS C 6 -14.35 -25.56 16.82
N SER C 7 -14.14 -25.65 15.50
CA SER C 7 -14.18 -24.44 14.68
C SER C 7 -15.59 -23.87 14.60
N PHE C 8 -16.52 -24.64 14.04
CA PHE C 8 -17.92 -24.22 13.91
C PHE C 8 -18.75 -24.75 15.07
N LYS C 9 -18.33 -24.41 16.29
CA LYS C 9 -19.02 -24.89 17.47
C LYS C 9 -20.47 -24.40 17.48
N GLY C 10 -21.40 -25.31 17.73
CA GLY C 10 -22.81 -25.00 17.76
C GLY C 10 -23.50 -25.10 16.42
N ARG C 11 -22.77 -25.34 15.34
CA ARG C 11 -23.36 -25.51 14.01
C ARG C 11 -22.80 -26.79 13.40
N THR C 12 -23.69 -27.63 12.88
CA THR C 12 -23.30 -28.86 12.21
C THR C 12 -23.18 -28.71 10.71
N GLU C 13 -23.57 -27.55 10.16
CA GLU C 13 -23.49 -27.30 8.73
C GLU C 13 -23.01 -25.87 8.50
N VAL C 14 -22.07 -25.72 7.57
CA VAL C 14 -21.56 -24.41 7.18
C VAL C 14 -21.42 -24.37 5.67
N THR C 15 -21.55 -23.17 5.09
CA THR C 15 -21.41 -23.01 3.66
C THR C 15 -19.97 -23.31 3.22
N ILE C 16 -19.83 -23.75 1.97
CA ILE C 16 -18.51 -24.08 1.46
C ILE C 16 -17.62 -22.86 1.41
N THR C 17 -18.17 -21.68 1.11
CA THR C 17 -17.36 -20.47 1.12
C THR C 17 -16.74 -20.24 2.49
N GLU C 18 -17.55 -20.34 3.55
CA GLU C 18 -17.03 -20.16 4.89
C GLU C 18 -15.96 -21.19 5.23
N TYR C 19 -16.21 -22.46 4.87
CA TYR C 19 -15.25 -23.51 5.18
C TYR C 19 -13.93 -23.27 4.46
N ARG C 20 -13.99 -22.90 3.17
CA ARG C 20 -12.77 -22.66 2.42
C ARG C 20 -12.02 -21.43 2.91
N SER C 21 -12.74 -20.41 3.38
CA SER C 21 -12.07 -19.19 3.83
C SER C 21 -11.09 -19.47 4.97
N HIS C 22 -11.26 -20.57 5.69
CA HIS C 22 -10.39 -20.88 6.82
C HIS C 22 -9.04 -21.46 6.41
N THR C 23 -8.88 -21.87 5.15
CA THR C 23 -7.67 -22.53 4.69
C THR C 23 -7.12 -21.87 3.43
N VAL C 24 -7.12 -20.54 3.39
CA VAL C 24 -6.58 -19.81 2.26
C VAL C 24 -5.06 -19.77 2.40
N LYS C 25 -4.36 -20.23 1.35
CA LYS C 25 -2.90 -20.24 1.36
C LYS C 25 -2.33 -19.84 0.01
N ASP C 26 -3.05 -19.01 -0.74
CA ASP C 26 -2.62 -18.57 -2.06
C ASP C 26 -2.56 -17.06 -2.20
N VAL C 27 -2.78 -16.31 -1.12
CA VAL C 27 -2.79 -14.85 -1.18
C VAL C 27 -1.39 -14.35 -0.84
N HIS C 28 -0.78 -13.65 -1.79
CA HIS C 28 0.54 -13.05 -1.60
C HIS C 28 0.39 -11.57 -1.29
N ARG C 29 1.24 -11.06 -0.41
CA ARG C 29 1.28 -9.66 -0.05
C ARG C 29 2.72 -9.18 -0.07
N SER C 30 2.96 -8.04 -0.71
CA SER C 30 4.30 -7.45 -0.76
C SER C 30 4.57 -6.75 0.56
N LEU C 31 5.58 -7.21 1.29
CA LEU C 31 5.87 -6.71 2.63
C LEU C 31 7.37 -6.58 2.80
N LEU C 32 7.76 -5.82 3.83
CA LEU C 32 9.17 -5.59 4.12
C LEU C 32 9.88 -6.85 4.58
N THR C 33 9.14 -7.86 5.05
CA THR C 33 9.73 -9.07 5.61
C THR C 33 9.97 -10.15 4.56
N ALA C 34 9.87 -9.81 3.27
CA ALA C 34 10.00 -10.83 2.23
C ALA C 34 11.37 -11.50 2.26
N ASP C 35 12.43 -10.69 2.38
CA ASP C 35 13.77 -11.25 2.34
C ASP C 35 14.04 -12.15 3.55
N LYS C 36 13.65 -11.70 4.75
CA LYS C 36 13.85 -12.51 5.95
C LYS C 36 13.08 -13.83 5.85
N SER C 37 11.82 -13.76 5.41
CA SER C 37 11.02 -14.97 5.29
C SER C 37 11.61 -15.93 4.27
N LEU C 38 12.06 -15.41 3.12
CA LEU C 38 12.62 -16.27 2.09
C LEU C 38 13.95 -16.87 2.52
N ARG C 39 14.73 -16.15 3.34
CA ARG C 39 15.99 -16.69 3.82
C ARG C 39 15.80 -17.71 4.93
N LYS C 40 14.77 -17.55 5.76
CA LYS C 40 14.61 -18.41 6.92
C LYS C 40 14.43 -19.87 6.49
N SER C 41 15.33 -20.73 6.98
CA SER C 41 15.27 -22.17 6.76
C SER C 41 15.44 -22.55 5.29
N PHE C 42 15.99 -21.65 4.48
CA PHE C 42 16.21 -21.92 3.06
C PHE C 42 14.91 -22.34 2.37
N CYS C 43 13.81 -21.72 2.76
CA CYS C 43 12.52 -22.10 2.20
C CYS C 43 12.48 -21.84 0.70
N PHE C 44 12.96 -20.67 0.26
CA PHE C 44 12.96 -20.37 -1.17
C PHE C 44 13.92 -21.28 -1.92
N ARG C 45 15.08 -21.59 -1.34
CA ARG C 45 16.03 -22.48 -1.98
C ARG C 45 15.41 -23.85 -2.19
N ASN C 46 14.77 -24.39 -1.16
CA ASN C 46 14.10 -25.68 -1.29
C ASN C 46 12.96 -25.63 -2.30
N ALA C 47 12.21 -24.52 -2.31
CA ALA C 47 11.11 -24.38 -3.26
C ALA C 47 11.63 -24.36 -4.69
N LEU C 48 12.74 -23.66 -4.94
CA LEU C 48 13.34 -23.66 -6.27
C LEU C 48 13.81 -25.05 -6.67
N ASN C 49 14.45 -25.76 -5.72
CA ASN C 49 14.88 -27.13 -6.00
C ASN C 49 13.69 -28.00 -6.39
N GLN C 50 12.59 -27.90 -5.64
CA GLN C 50 11.42 -28.71 -5.93
C GLN C 50 10.78 -28.31 -7.25
N PHE C 51 10.72 -27.02 -7.55
CA PHE C 51 10.11 -26.55 -8.79
C PHE C 51 10.89 -27.04 -10.00
N LEU C 52 12.22 -27.03 -9.91
CA LEU C 52 13.04 -27.34 -11.08
C LEU C 52 12.97 -28.81 -11.48
N ASP C 53 12.37 -29.67 -10.66
CA ASP C 53 12.29 -31.09 -11.01
C ASP C 53 10.93 -31.72 -10.70
N LYS C 54 9.92 -30.94 -10.29
CA LYS C 54 8.59 -31.50 -10.07
C LYS C 54 7.51 -30.67 -10.74
N ASP C 55 7.75 -29.38 -10.92
CA ASP C 55 6.78 -28.47 -11.52
C ASP C 55 7.21 -27.94 -12.88
N LEU C 56 8.49 -27.59 -13.05
CA LEU C 56 8.95 -27.11 -14.34
C LEU C 56 8.68 -28.09 -15.48
N PRO C 57 8.91 -29.41 -15.32
CA PRO C 57 8.65 -30.32 -16.45
C PRO C 57 7.18 -30.72 -16.53
N LEU C 58 6.29 -29.75 -16.33
CA LEU C 58 4.87 -29.92 -16.60
C LEU C 58 4.26 -28.72 -17.29
N LEU C 59 4.94 -27.58 -17.34
CA LEU C 59 4.40 -26.40 -18.00
C LEU C 59 4.35 -26.63 -19.51
N PRO C 60 3.23 -26.40 -20.17
CA PRO C 60 3.21 -26.49 -21.63
C PRO C 60 4.03 -25.37 -22.25
N ILE C 61 4.59 -25.65 -23.43
CA ILE C 61 5.39 -24.69 -24.17
C ILE C 61 4.45 -23.94 -25.10
N ARG C 62 4.05 -22.73 -24.71
CA ARG C 62 3.15 -21.95 -25.53
C ARG C 62 3.92 -21.21 -26.62
N PRO C 63 3.25 -20.89 -27.72
CA PRO C 63 3.93 -20.18 -28.81
C PRO C 63 4.10 -18.70 -28.50
N LYS C 64 5.07 -18.10 -29.18
CA LYS C 64 5.35 -16.68 -29.01
C LYS C 64 4.44 -15.83 -29.89
N LEU C 65 4.37 -14.54 -29.56
CA LEU C 65 3.54 -13.61 -30.31
C LEU C 65 4.27 -13.19 -31.58
N GLU C 66 3.52 -13.19 -32.69
CA GLU C 66 4.08 -12.84 -34.00
C GLU C 66 3.40 -11.64 -34.64
N SER C 67 2.08 -11.61 -34.65
CA SER C 67 1.35 -10.57 -35.36
C SER C 67 1.60 -9.21 -34.72
N ARG C 68 1.93 -8.22 -35.56
CA ARG C 68 2.11 -6.86 -35.09
C ARG C 68 1.87 -5.90 -36.25
N VAL C 69 1.29 -4.74 -35.95
CA VAL C 69 0.95 -3.74 -36.96
C VAL C 69 1.66 -2.45 -36.63
N ALA C 70 1.81 -1.61 -37.65
CA ALA C 70 2.42 -0.30 -37.45
C ALA C 70 1.52 0.59 -36.61
N VAL C 71 2.13 1.30 -35.66
CA VAL C 71 1.40 2.17 -34.74
C VAL C 71 2.11 3.51 -34.66
N LYS C 72 1.37 4.51 -34.16
CA LYS C 72 1.91 5.83 -33.92
C LYS C 72 1.36 6.37 -32.62
N LYS C 73 2.09 7.31 -32.02
CA LYS C 73 1.64 7.93 -30.78
C LYS C 73 0.34 8.69 -31.01
N SER C 74 -0.52 8.66 -30.00
CA SER C 74 -1.82 9.31 -30.06
C SER C 74 -2.23 9.75 -28.66
N LYS C 75 -3.38 10.39 -28.57
CA LYS C 75 -3.90 10.81 -27.28
C LYS C 75 -4.18 9.60 -26.40
N LEU C 76 -3.94 9.77 -25.10
CA LEU C 76 -4.19 8.70 -24.14
C LEU C 76 -5.65 8.28 -24.20
N ARG C 77 -5.89 6.97 -24.19
CA ARG C 77 -7.24 6.43 -24.21
C ARG C 77 -7.26 5.13 -23.43
N SER C 78 -8.46 4.62 -23.21
CA SER C 78 -8.66 3.38 -22.46
C SER C 78 -9.01 2.25 -23.43
N GLN C 79 -8.23 1.18 -23.38
CA GLN C 79 -8.46 -0.02 -24.17
C GLN C 79 -9.18 -1.05 -23.32
N LEU C 80 -10.31 -1.54 -23.82
CA LEU C 80 -11.11 -2.56 -23.14
C LEU C 80 -10.86 -3.89 -23.83
N SER C 81 -10.27 -4.85 -23.11
CA SER C 81 -10.06 -6.19 -23.64
C SER C 81 -10.93 -7.17 -22.86
N PHE C 82 -11.68 -7.98 -23.59
CA PHE C 82 -12.64 -8.92 -23.02
C PHE C 82 -12.10 -10.33 -23.13
N ARG C 83 -11.87 -10.97 -21.98
CA ARG C 83 -11.42 -12.35 -21.94
C ARG C 83 -12.59 -13.24 -21.54
N PRO C 84 -13.13 -14.07 -22.43
CA PRO C 84 -14.26 -14.92 -22.04
C PRO C 84 -13.85 -15.99 -21.06
N GLY C 85 -14.81 -16.41 -20.24
CA GLY C 85 -14.57 -17.46 -19.28
C GLY C 85 -14.68 -18.84 -19.89
N LEU C 86 -14.25 -19.83 -19.11
CA LEU C 86 -14.32 -21.21 -19.57
C LEU C 86 -15.77 -21.67 -19.67
N THR C 87 -16.03 -22.55 -20.63
CA THR C 87 -17.33 -23.17 -20.76
C THR C 87 -17.50 -24.24 -19.69
N GLN C 88 -18.77 -24.58 -19.42
CA GLN C 88 -19.05 -25.60 -18.41
C GLN C 88 -18.45 -26.94 -18.79
N GLU C 89 -18.60 -27.33 -20.07
CA GLU C 89 -18.08 -28.63 -20.49
C GLU C 89 -16.55 -28.64 -20.45
N GLU C 90 -15.93 -27.54 -20.88
CA GLU C 90 -14.47 -27.46 -20.82
C GLU C 90 -13.98 -27.51 -19.39
N ALA C 91 -14.66 -26.82 -18.48
CA ALA C 91 -14.26 -26.86 -17.07
C ALA C 91 -14.40 -28.26 -16.50
N ILE C 92 -15.50 -28.95 -16.83
CA ILE C 92 -15.71 -30.31 -16.33
C ILE C 92 -14.61 -31.23 -16.85
N ASP C 93 -14.30 -31.14 -18.15
CA ASP C 93 -13.26 -31.97 -18.72
C ASP C 93 -11.90 -31.67 -18.07
N LEU C 94 -11.59 -30.39 -17.88
CA LEU C 94 -10.31 -30.02 -17.30
C LEU C 94 -10.19 -30.52 -15.88
N TYR C 95 -11.28 -30.45 -15.11
CA TYR C 95 -11.27 -31.03 -13.77
C TYR C 95 -11.04 -32.53 -13.83
N ASN C 96 -11.72 -33.21 -14.75
CA ASN C 96 -11.52 -34.65 -14.90
C ASN C 96 -10.07 -34.97 -15.24
N LYS C 97 -9.40 -34.10 -15.98
CA LYS C 97 -8.01 -34.35 -16.33
C LYS C 97 -7.12 -34.40 -15.08
N GLY C 98 -7.38 -33.50 -14.12
CA GLY C 98 -6.61 -33.48 -12.89
C GLY C 98 -6.04 -32.12 -12.56
N TYR C 99 -6.56 -31.07 -13.18
CA TYR C 99 -6.11 -29.72 -12.89
C TYR C 99 -6.78 -29.20 -11.63
N ASP C 100 -6.15 -28.19 -11.03
CA ASP C 100 -6.66 -27.61 -9.79
C ASP C 100 -8.08 -27.12 -10.02
N GLY C 101 -9.03 -27.71 -9.28
CA GLY C 101 -10.42 -27.34 -9.46
C GLY C 101 -10.71 -25.89 -9.13
N ASP C 102 -10.02 -25.34 -8.12
CA ASP C 102 -10.25 -23.95 -7.74
C ASP C 102 -9.92 -23.01 -8.89
N SER C 103 -8.76 -23.21 -9.52
CA SER C 103 -8.38 -22.36 -10.66
C SER C 103 -9.34 -22.56 -11.83
N VAL C 104 -9.74 -23.80 -12.10
CA VAL C 104 -10.66 -24.06 -13.19
C VAL C 104 -11.97 -23.32 -12.96
N SER C 105 -12.47 -23.33 -11.72
CA SER C 105 -13.68 -22.58 -11.40
C SER C 105 -13.46 -21.08 -11.51
N GLY C 106 -12.27 -20.61 -11.14
CA GLY C 106 -11.98 -19.18 -11.22
C GLY C 106 -11.96 -18.64 -12.63
N ALA C 107 -11.73 -19.50 -13.62
CA ALA C 107 -11.68 -19.07 -15.02
C ALA C 107 -13.05 -19.08 -15.69
N LEU C 108 -14.09 -19.54 -14.99
CA LEU C 108 -15.43 -19.52 -15.58
C LEU C 108 -15.97 -18.11 -15.74
N GLN C 109 -15.58 -17.20 -14.86
CA GLN C 109 -16.09 -15.84 -14.90
C GLN C 109 -15.46 -15.06 -16.06
N ASP C 110 -16.31 -14.38 -16.82
CA ASP C 110 -15.82 -13.52 -17.89
C ASP C 110 -15.12 -12.31 -17.29
N ARG C 111 -14.03 -11.88 -17.94
CA ARG C 111 -13.21 -10.80 -17.42
C ARG C 111 -13.12 -9.66 -18.42
N VAL C 112 -13.04 -8.44 -17.89
CA VAL C 112 -12.81 -7.24 -18.68
C VAL C 112 -11.61 -6.53 -18.07
N VAL C 113 -10.63 -6.20 -18.90
CA VAL C 113 -9.43 -5.50 -18.46
C VAL C 113 -9.41 -4.14 -19.14
N ASN C 114 -9.31 -3.09 -18.34
CA ASN C 114 -9.21 -1.71 -18.79
C ASN C 114 -7.76 -1.26 -18.64
N GLU C 115 -7.12 -0.91 -19.76
CA GLU C 115 -5.73 -0.49 -19.68
C GLU C 115 -5.52 0.82 -20.44
N PRO C 116 -4.74 1.76 -19.89
CA PRO C 116 -4.47 2.99 -20.65
C PRO C 116 -3.41 2.76 -21.71
N VAL C 117 -3.69 3.21 -22.93
CA VAL C 117 -2.76 3.11 -24.04
C VAL C 117 -2.61 4.48 -24.68
N ALA C 118 -1.44 4.73 -25.25
CA ALA C 118 -1.13 5.99 -25.92
C ALA C 118 -0.65 5.74 -27.35
N TYR C 119 -1.04 4.61 -27.93
CA TYR C 119 -0.68 4.26 -29.30
C TYR C 119 -1.91 3.75 -30.04
N SER C 120 -1.90 3.92 -31.35
CA SER C 120 -3.01 3.48 -32.18
C SER C 120 -2.49 3.13 -33.57
N SER C 121 -3.27 2.33 -34.28
CA SER C 121 -2.96 1.91 -35.64
C SER C 121 -4.07 2.39 -36.58
N ALA C 122 -3.86 2.17 -37.88
CA ALA C 122 -4.84 2.58 -38.87
C ALA C 122 -6.17 1.85 -38.68
N ASP C 123 -6.13 0.62 -38.16
CA ASP C 123 -7.33 -0.20 -38.01
C ASP C 123 -7.90 -0.15 -36.59
N ASN C 124 -7.31 0.62 -35.69
CA ASN C 124 -7.80 0.74 -34.32
C ASN C 124 -7.98 -0.64 -33.69
N ASP C 125 -6.91 -1.42 -33.70
CA ASP C 125 -6.90 -2.75 -33.12
C ASP C 125 -6.31 -2.72 -31.72
N LYS C 126 -6.61 -3.77 -30.96
CA LYS C 126 -6.17 -3.87 -29.57
C LYS C 126 -4.83 -4.59 -29.49
N PHE C 127 -4.03 -4.18 -28.50
CA PHE C 127 -2.65 -4.62 -28.38
C PHE C 127 -2.45 -5.43 -27.10
N HIS C 128 -1.43 -6.28 -27.13
CA HIS C 128 -1.08 -7.08 -25.96
C HIS C 128 -0.49 -6.20 -24.87
N ARG C 129 -0.57 -6.70 -23.63
CA ARG C 129 -0.08 -5.94 -22.49
C ARG C 129 1.39 -5.62 -22.66
N GLY C 130 1.72 -4.33 -22.53
CA GLY C 130 3.10 -3.88 -22.58
C GLY C 130 3.70 -3.79 -23.96
N LEU C 131 2.93 -4.07 -25.01
CA LEU C 131 3.46 -4.12 -26.37
C LEU C 131 2.71 -3.20 -27.32
N ALA C 132 1.95 -2.22 -26.80
CA ALA C 132 1.26 -1.29 -27.67
C ALA C 132 2.25 -0.42 -28.44
N ALA C 133 3.37 -0.06 -27.83
CA ALA C 133 4.36 0.75 -28.51
C ALA C 133 4.93 0.03 -29.73
N LEU C 134 5.22 -1.27 -29.59
CA LEU C 134 5.72 -2.04 -30.72
C LEU C 134 4.59 -2.45 -31.67
N GLY C 135 3.39 -2.62 -31.15
CA GLY C 135 2.23 -2.88 -31.98
C GLY C 135 1.80 -4.33 -32.09
N TYR C 136 2.02 -5.14 -31.07
CA TYR C 136 1.57 -6.53 -31.09
C TYR C 136 0.07 -6.58 -30.82
N THR C 137 -0.69 -7.04 -31.80
CA THR C 137 -2.15 -7.01 -31.74
C THR C 137 -2.70 -8.33 -31.23
N LEU C 138 -3.85 -8.23 -30.54
CA LEU C 138 -4.54 -9.43 -30.11
C LEU C 138 -5.04 -10.23 -31.31
N ALA C 139 -5.57 -9.56 -32.32
CA ALA C 139 -6.08 -10.19 -33.53
C ALA C 139 -7.10 -11.27 -33.19
N ASP C 140 -8.06 -10.89 -32.35
CA ASP C 140 -9.12 -11.79 -31.93
C ASP C 140 -10.49 -11.26 -32.35
#